data_7ZHW
#
_entry.id   7ZHW
#
_cell.length_a   215.830
_cell.length_b   66.770
_cell.length_c   121.020
_cell.angle_alpha   90.000
_cell.angle_beta   120.708
_cell.angle_gamma   90.000
#
_symmetry.space_group_name_H-M   'C 1 2 1'
#
loop_
_entity.id
_entity.type
_entity.pdbx_description
1 polymer 'Glucose-6-phosphate 1-dehydrogenase'
2 non-polymer 'NADPH DIHYDRO-NICOTINAMIDE-ADENINE-DINUCLEOTIDE PHOSPHATE'
3 non-polymer 1,2-ETHANEDIOL
4 non-polymer 'SULFATE ION'
5 non-polymer 6-O-phosphono-beta-D-glucopyranose
6 water water
#
_entity_poly.entity_id   1
_entity_poly.type   'polypeptide(L)'
_entity_poly.pdbx_seq_one_letter_code
;MSEEQSHADQDAYVADVDGILDVLRAQVLERKPDDIFQFISKSALSLQKDRGAESCDRINCKVKDEQKSRALTIIVFGAS
GDLAKKKTFPALFDLYCGGLLPPEVNIIGYARTKVDDVEKWKHETLMKYFSNLSERGCHAEDFLKHISYFCGAYDSVDDF
KRLDAVIREKENAFKGPEKGGNRLFYLALPPSVFASVCESIHKGAMPQEVGGWVRVIIEKPFGRDTKSSAELSQALEPFF
DESQLYRIDHYLGKEMVQNIITTRFANRIFSAVWNASNIACVQITFKETIGTEGRGGYFDNIGIIRDVMQNHLTQILALL
AMEKPRSLDAECIRDEKVSVLKCIEPITKENCVLGQYTASADGSIPGYLEDVTVPEGSTCPTFAVMRLNINNDRWAGVPF
ILKAGKAVEQKYVAIRIQFRDEVHPYGEATQRNELVIRAQPSEAMYVKITTKVPGLSGDLRQTHQTELDLTYHTRYDVRL
PDAYESLINDALLGNSTNFVRKDELDVAWRIFTPLLHQIDSGEIKPIPYQAGTRGPKEADEFIANNGFKHQKGYHWLPSN
KL
;
_entity_poly.pdbx_strand_id   A,B
#
loop_
_chem_comp.id
_chem_comp.type
_chem_comp.name
_chem_comp.formula
BG6 D-saccharide, beta linking 6-O-phosphono-beta-D-glucopyranose 'C6 H13 O9 P'
EDO non-polymer 1,2-ETHANEDIOL 'C2 H6 O2'
NDP non-polymer 'NADPH DIHYDRO-NICOTINAMIDE-ADENINE-DINUCLEOTIDE PHOSPHATE' 'C21 H30 N7 O17 P3'
SO4 non-polymer 'SULFATE ION' 'O4 S -2'
#
# COMPACT_ATOMS: atom_id res chain seq x y z
N ALA A 12 22.15 -15.89 36.34
CA ALA A 12 20.82 -15.32 36.49
C ALA A 12 20.77 -13.92 35.85
N TYR A 13 21.93 -13.27 35.79
CA TYR A 13 22.00 -11.94 35.20
C TYR A 13 21.70 -11.96 33.71
N VAL A 14 21.94 -13.09 33.04
CA VAL A 14 21.79 -13.18 31.59
C VAL A 14 20.38 -13.52 31.12
N ALA A 15 19.45 -13.85 32.03
CA ALA A 15 18.19 -14.46 31.63
C ALA A 15 17.30 -13.51 30.83
N ASP A 16 17.38 -12.20 31.08
CA ASP A 16 16.39 -11.27 30.52
C ASP A 16 16.50 -11.14 29.00
N VAL A 17 17.71 -11.31 28.45
CA VAL A 17 17.93 -10.99 27.04
C VAL A 17 17.14 -11.91 26.11
N ASP A 18 16.93 -13.16 26.51
CA ASP A 18 16.40 -14.16 25.59
C ASP A 18 14.96 -13.88 25.16
N GLY A 19 14.17 -13.22 26.02
CA GLY A 19 12.75 -13.11 25.76
C GLY A 19 12.38 -12.13 24.66
N ILE A 20 13.15 -11.05 24.49
CA ILE A 20 12.76 -10.02 23.55
C ILE A 20 12.80 -10.52 22.11
N LEU A 21 13.75 -11.39 21.78
CA LEU A 21 13.88 -11.87 20.41
C LEU A 21 12.71 -12.77 20.01
N ASP A 22 12.12 -13.49 20.96
CA ASP A 22 11.05 -14.42 20.62
C ASP A 22 9.80 -13.71 20.13
N VAL A 23 9.50 -12.52 20.67
CA VAL A 23 8.33 -11.78 20.21
C VAL A 23 8.51 -11.25 18.80
N LEU A 24 9.76 -11.04 18.37
CA LEU A 24 10.00 -10.65 16.99
C LEU A 24 9.63 -11.77 16.01
N ARG A 25 9.73 -13.02 16.46
CA ARG A 25 9.46 -14.15 15.56
C ARG A 25 7.99 -14.19 15.12
N ALA A 26 7.07 -13.83 16.02
CA ALA A 26 5.66 -13.95 15.70
C ALA A 26 5.22 -12.98 14.61
N GLN A 27 5.81 -11.79 14.56
CA GLN A 27 5.36 -10.77 13.61
C GLN A 27 5.70 -11.16 12.18
N VAL A 28 6.78 -11.92 11.97
CA VAL A 28 7.23 -12.21 10.61
C VAL A 28 6.26 -13.14 9.90
N LEU A 29 5.85 -14.21 10.58
CA LEU A 29 4.86 -15.13 10.00
C LEU A 29 3.48 -14.48 9.91
N GLU A 30 3.19 -13.51 10.78
CA GLU A 30 1.85 -12.95 10.83
C GLU A 30 1.52 -12.17 9.57
N ARG A 31 2.43 -11.29 9.15
CA ARG A 31 2.18 -10.46 7.97
C ARG A 31 3.52 -9.90 7.50
N LYS A 32 3.50 -9.31 6.31
CA LYS A 32 4.70 -8.87 5.61
C LYS A 32 5.76 -9.98 5.59
N PRO A 33 5.44 -11.16 4.99
CA PRO A 33 6.42 -12.25 4.88
C PRO A 33 7.23 -12.16 3.58
N ASP A 34 7.82 -10.99 3.34
CA ASP A 34 8.60 -10.75 2.14
C ASP A 34 9.75 -9.82 2.49
N ASP A 35 10.94 -10.14 1.96
CA ASP A 35 12.16 -9.40 2.28
C ASP A 35 12.32 -9.24 3.79
N ILE A 36 12.45 -10.39 4.46
CA ILE A 36 12.42 -10.46 5.91
C ILE A 36 13.58 -9.69 6.54
N PHE A 37 14.68 -9.53 5.81
CA PHE A 37 15.86 -8.82 6.33
C PHE A 37 15.48 -7.44 6.86
N GLN A 38 14.99 -6.57 5.97
CA GLN A 38 14.68 -5.20 6.37
C GLN A 38 13.50 -5.16 7.34
N PHE A 39 12.59 -6.14 7.27
CA PHE A 39 11.39 -6.10 8.11
C PHE A 39 11.73 -6.21 9.59
N ILE A 40 12.74 -7.02 9.94
CA ILE A 40 13.07 -7.21 11.35
C ILE A 40 13.61 -5.92 11.96
N SER A 41 14.25 -5.08 11.15
CA SER A 41 14.86 -3.87 11.68
C SER A 41 13.80 -2.88 12.17
N LYS A 42 12.86 -2.52 11.28
CA LYS A 42 11.88 -1.49 11.62
C LYS A 42 10.95 -1.94 12.74
N SER A 43 10.63 -3.23 12.79
CA SER A 43 9.81 -3.75 13.89
C SER A 43 10.53 -3.69 15.24
N ALA A 44 11.87 -3.73 15.24
CA ALA A 44 12.62 -3.70 16.49
C ALA A 44 12.61 -2.34 17.17
N LEU A 45 12.81 -1.26 16.41
CA LEU A 45 12.83 0.08 17.02
C LEU A 45 11.48 0.45 17.60
N SER A 46 10.39 -0.04 17.00
CA SER A 46 9.07 0.27 17.52
C SER A 46 8.86 -0.33 18.91
N LEU A 47 9.53 -1.45 19.20
CA LEU A 47 9.36 -2.09 20.50
C LEU A 47 9.91 -1.22 21.63
N GLN A 48 10.90 -0.37 21.35
CA GLN A 48 11.44 0.51 22.38
C GLN A 48 10.40 1.51 22.86
N LYS A 49 9.54 1.99 21.95
CA LYS A 49 8.50 2.93 22.34
C LYS A 49 7.28 2.25 22.92
N ASP A 50 7.20 0.91 22.86
CA ASP A 50 6.08 0.20 23.46
C ASP A 50 6.00 0.49 24.95
N ARG A 51 7.14 0.73 25.59
CA ARG A 51 7.18 1.28 26.93
C ARG A 51 8.44 2.15 27.01
N GLY A 52 8.25 3.46 27.07
CA GLY A 52 9.38 4.34 27.22
C GLY A 52 9.89 4.46 28.62
N ALA A 53 9.23 3.79 29.58
CA ALA A 53 9.53 3.91 31.00
C ALA A 53 9.52 5.36 31.43
N GLU A 54 8.55 6.11 30.90
CA GLU A 54 8.47 7.54 31.18
C GLU A 54 8.29 7.78 32.68
N SER A 55 9.06 8.73 33.21
CA SER A 55 9.01 9.00 34.64
C SER A 55 7.65 9.55 35.03
N CYS A 56 7.19 9.13 36.20
CA CYS A 56 5.90 9.59 36.73
C CYS A 56 6.09 10.95 37.41
N ASP A 57 6.37 11.95 36.58
CA ASP A 57 6.56 13.32 37.06
C ASP A 57 5.26 14.10 36.94
N ARG A 58 5.08 14.77 35.81
CA ARG A 58 3.85 15.50 35.55
C ARG A 58 2.72 14.56 35.16
N ILE A 59 1.48 15.01 35.40
CA ILE A 59 0.29 14.33 34.92
C ILE A 59 -0.24 15.10 33.72
N ASN A 60 -0.68 14.37 32.68
CA ASN A 60 -1.14 14.99 31.44
C ASN A 60 -2.62 15.37 31.59
N CYS A 61 -2.87 16.62 31.97
CA CYS A 61 -4.24 17.12 32.15
C CYS A 61 -4.77 17.67 30.82
N LYS A 62 -5.07 16.75 29.91
CA LYS A 62 -5.64 17.10 28.61
C LYS A 62 -7.15 17.27 28.65
N VAL A 63 -7.80 16.99 29.77
CA VAL A 63 -9.26 17.08 29.85
C VAL A 63 -9.71 18.53 29.66
N LYS A 64 -10.88 18.69 29.03
CA LYS A 64 -11.44 20.01 28.82
C LYS A 64 -11.73 20.69 30.14
N ASP A 65 -11.42 21.99 30.22
CA ASP A 65 -11.69 22.74 31.44
C ASP A 65 -13.18 22.86 31.73
N GLU A 66 -14.01 22.90 30.68
CA GLU A 66 -15.45 22.97 30.88
C GLU A 66 -16.02 21.69 31.47
N GLN A 67 -15.34 20.56 31.29
CA GLN A 67 -15.74 19.34 31.96
C GLN A 67 -15.54 19.43 33.47
N LYS A 68 -14.63 20.30 33.93
CA LYS A 68 -14.40 20.54 35.35
C LYS A 68 -15.38 21.53 35.96
N SER A 69 -16.29 22.10 35.16
CA SER A 69 -17.12 23.20 35.66
C SER A 69 -18.06 22.76 36.77
N ARG A 70 -18.45 21.48 36.80
CA ARG A 70 -19.42 20.99 37.76
C ARG A 70 -18.93 19.68 38.38
N ALA A 71 -19.42 19.39 39.59
CA ALA A 71 -19.06 18.17 40.28
C ALA A 71 -19.51 16.95 39.51
N LEU A 72 -18.68 15.92 39.51
CA LEU A 72 -18.94 14.68 38.80
C LEU A 72 -18.78 13.51 39.76
N THR A 73 -19.69 12.55 39.66
CA THR A 73 -19.66 11.37 40.51
C THR A 73 -19.93 10.14 39.65
N ILE A 74 -19.19 9.06 39.91
CA ILE A 74 -19.32 7.82 39.18
C ILE A 74 -19.66 6.72 40.17
N ILE A 75 -20.77 6.03 39.94
CA ILE A 75 -21.24 4.96 40.81
C ILE A 75 -21.06 3.64 40.08
N VAL A 76 -20.26 2.75 40.65
CA VAL A 76 -19.98 1.45 40.06
C VAL A 76 -20.60 0.40 40.95
N PHE A 77 -21.79 -0.06 40.57
CA PHE A 77 -22.44 -1.17 41.28
C PHE A 77 -21.68 -2.46 41.03
N GLY A 78 -21.65 -3.32 42.04
CA GLY A 78 -20.89 -4.55 41.93
C GLY A 78 -19.40 -4.35 41.98
N ALA A 79 -18.92 -3.39 42.78
CA ALA A 79 -17.50 -3.06 42.78
C ALA A 79 -16.64 -4.23 43.21
N SER A 80 -17.17 -5.14 44.03
CA SER A 80 -16.45 -6.35 44.38
C SER A 80 -16.59 -7.44 43.32
N GLY A 81 -17.40 -7.21 42.29
CA GLY A 81 -17.60 -8.22 41.27
C GLY A 81 -16.41 -8.38 40.35
N ASP A 82 -16.41 -9.48 39.61
CA ASP A 82 -15.25 -9.86 38.80
C ASP A 82 -14.98 -8.86 37.68
N LEU A 83 -16.01 -8.24 37.10
CA LEU A 83 -15.77 -7.33 35.99
C LEU A 83 -15.25 -5.97 36.45
N ALA A 84 -15.83 -5.42 37.51
CA ALA A 84 -15.31 -4.17 38.04
C ALA A 84 -13.92 -4.34 38.64
N LYS A 85 -13.60 -5.55 39.11
CA LYS A 85 -12.31 -5.79 39.73
C LYS A 85 -11.18 -5.76 38.69
N LYS A 86 -11.37 -6.42 37.56
CA LYS A 86 -10.30 -6.64 36.60
C LYS A 86 -10.32 -5.68 35.42
N LYS A 87 -11.39 -4.90 35.22
CA LYS A 87 -11.46 -4.08 34.03
C LYS A 87 -11.94 -2.66 34.30
N THR A 88 -13.09 -2.51 34.97
CA THR A 88 -13.71 -1.20 35.09
C THR A 88 -12.85 -0.25 35.91
N PHE A 89 -12.61 -0.59 37.19
CA PHE A 89 -11.76 0.24 38.02
C PHE A 89 -10.36 0.42 37.45
N PRO A 90 -9.67 -0.62 36.96
CA PRO A 90 -8.36 -0.36 36.32
C PRO A 90 -8.46 0.58 35.13
N ALA A 91 -9.58 0.55 34.39
CA ALA A 91 -9.75 1.50 33.30
C ALA A 91 -9.89 2.93 33.83
N LEU A 92 -10.59 3.11 34.94
CA LEU A 92 -10.73 4.43 35.52
C LEU A 92 -9.40 4.97 36.02
N PHE A 93 -8.52 4.09 36.50
CA PHE A 93 -7.18 4.52 36.89
C PHE A 93 -6.38 4.99 35.69
N ASP A 94 -6.57 4.33 34.54
CA ASP A 94 -5.86 4.75 33.32
C ASP A 94 -6.34 6.11 32.84
N LEU A 95 -7.65 6.38 32.97
CA LEU A 95 -8.15 7.70 32.61
C LEU A 95 -7.61 8.77 33.55
N TYR A 96 -7.38 8.42 34.82
CA TYR A 96 -6.75 9.35 35.74
C TYR A 96 -5.28 9.55 35.41
N CYS A 97 -4.60 8.48 35.00
CA CYS A 97 -3.23 8.62 34.51
C CYS A 97 -3.19 9.38 33.20
N GLY A 98 -4.27 9.32 32.42
CA GLY A 98 -4.38 10.17 31.25
C GLY A 98 -4.88 11.57 31.54
N GLY A 99 -5.26 11.84 32.78
CA GLY A 99 -5.70 13.16 33.18
C GLY A 99 -7.11 13.50 32.77
N LEU A 100 -7.86 12.55 32.21
CA LEU A 100 -9.18 12.84 31.68
C LEU A 100 -10.22 13.09 32.76
N LEU A 101 -9.98 12.63 33.97
CA LEU A 101 -10.94 12.85 35.04
C LEU A 101 -10.80 14.26 35.62
N PRO A 102 -11.91 14.87 36.03
CA PRO A 102 -11.81 16.16 36.71
C PRO A 102 -11.05 16.02 38.01
N PRO A 103 -10.32 17.07 38.43
CA PRO A 103 -9.48 16.94 39.62
C PRO A 103 -10.24 16.57 40.87
N GLU A 104 -11.48 17.02 41.01
CA GLU A 104 -12.30 16.73 42.19
C GLU A 104 -13.24 15.56 41.97
N VAL A 105 -12.93 14.67 41.03
CA VAL A 105 -13.83 13.57 40.70
C VAL A 105 -14.03 12.67 41.92
N ASN A 106 -15.27 12.22 42.09
CA ASN A 106 -15.62 11.27 43.14
C ASN A 106 -16.18 10.01 42.50
N ILE A 107 -15.63 8.86 42.88
CA ILE A 107 -16.15 7.57 42.46
C ILE A 107 -16.33 6.71 43.69
N ILE A 108 -17.46 6.00 43.76
CA ILE A 108 -17.79 5.17 44.91
C ILE A 108 -18.31 3.83 44.41
N GLY A 109 -17.97 2.77 45.14
CA GLY A 109 -18.37 1.42 44.76
C GLY A 109 -19.58 0.93 45.56
N TYR A 110 -20.40 0.13 44.89
CA TYR A 110 -21.62 -0.40 45.48
C TYR A 110 -21.62 -1.91 45.34
N ALA A 111 -21.76 -2.61 46.47
CA ALA A 111 -21.80 -4.07 46.46
C ALA A 111 -22.53 -4.52 47.73
N ARG A 112 -23.18 -5.68 47.64
CA ARG A 112 -24.00 -6.11 48.77
C ARG A 112 -23.17 -6.54 49.97
N THR A 113 -22.00 -7.12 49.74
CA THR A 113 -21.22 -7.69 50.83
C THR A 113 -20.68 -6.59 51.74
N LYS A 114 -20.73 -6.84 53.05
CA LYS A 114 -20.06 -5.97 54.00
C LYS A 114 -18.55 -6.18 53.93
N VAL A 115 -17.80 -5.10 54.09
CA VAL A 115 -16.34 -5.15 54.03
C VAL A 115 -15.76 -4.57 55.31
N ASP A 116 -14.70 -5.21 55.81
CA ASP A 116 -13.95 -4.74 56.95
C ASP A 116 -12.69 -4.02 56.48
N ASP A 117 -12.35 -2.93 57.18
CA ASP A 117 -11.17 -2.12 56.86
C ASP A 117 -11.13 -1.82 55.36
N VAL A 118 -11.99 -0.90 54.90
CA VAL A 118 -12.15 -0.66 53.47
C VAL A 118 -10.85 -0.20 52.82
N GLU A 119 -10.03 0.56 53.54
CA GLU A 119 -8.75 1.00 52.99
C GLU A 119 -7.83 -0.17 52.71
N LYS A 120 -7.87 -1.20 53.56
CA LYS A 120 -7.10 -2.41 53.28
C LYS A 120 -7.65 -3.16 52.08
N TRP A 121 -8.97 -3.10 51.88
CA TRP A 121 -9.62 -3.92 50.85
C TRP A 121 -9.22 -3.45 49.45
N LYS A 122 -9.30 -2.14 49.21
CA LYS A 122 -8.91 -1.61 47.90
C LYS A 122 -7.42 -1.77 47.65
N HIS A 123 -6.61 -1.77 48.71
CA HIS A 123 -5.16 -1.89 48.55
C HIS A 123 -4.71 -3.28 48.14
N GLU A 124 -5.55 -4.29 48.34
CA GLU A 124 -5.17 -5.67 48.01
C GLU A 124 -6.14 -6.40 47.10
N THR A 125 -7.42 -6.02 47.07
CA THR A 125 -8.38 -6.67 46.18
C THR A 125 -8.56 -5.95 44.85
N LEU A 126 -8.39 -4.63 44.82
CA LEU A 126 -8.64 -3.84 43.62
C LEU A 126 -7.37 -3.30 42.99
N MET A 127 -6.46 -2.76 43.79
CA MET A 127 -5.17 -2.31 43.27
C MET A 127 -4.33 -3.47 42.74
N LYS A 128 -4.60 -4.69 43.23
CA LYS A 128 -3.90 -5.87 42.74
C LYS A 128 -4.16 -6.12 41.26
N TYR A 129 -5.34 -5.71 40.77
CA TYR A 129 -5.70 -5.88 39.37
C TYR A 129 -5.50 -4.61 38.55
N PHE A 130 -4.83 -3.60 39.12
CA PHE A 130 -4.50 -2.40 38.38
C PHE A 130 -3.49 -2.72 37.28
N SER A 131 -3.46 -1.86 36.26
CA SER A 131 -2.63 -2.11 35.08
C SER A 131 -1.17 -2.29 35.49
N ASN A 132 -0.47 -3.15 34.75
CA ASN A 132 0.90 -3.55 35.10
C ASN A 132 1.88 -2.39 34.97
N LEU A 133 1.38 -1.21 34.62
CA LEU A 133 2.09 0.06 34.71
C LEU A 133 2.26 0.52 36.15
N SER A 134 1.78 -0.26 37.13
CA SER A 134 1.84 0.15 38.53
C SER A 134 3.28 0.35 39.00
N GLU A 135 4.24 -0.37 38.40
CA GLU A 135 5.63 -0.07 38.67
C GLU A 135 6.00 1.32 38.18
N ARG A 136 5.32 1.81 37.14
CA ARG A 136 5.52 3.15 36.61
C ARG A 136 4.48 4.15 37.12
N GLY A 137 3.39 3.68 37.73
CA GLY A 137 2.34 4.56 38.18
C GLY A 137 2.55 5.07 39.59
N CYS A 138 3.25 6.21 39.72
CA CYS A 138 3.61 6.72 41.03
C CYS A 138 2.39 7.16 41.84
N HIS A 139 1.34 7.65 41.20
CA HIS A 139 0.19 8.23 41.89
C HIS A 139 -0.94 7.22 42.05
N ALA A 140 -0.62 5.95 42.33
CA ALA A 140 -1.65 4.95 42.49
C ALA A 140 -2.49 5.20 43.74
N GLU A 141 -1.83 5.42 44.88
CA GLU A 141 -2.57 5.67 46.11
C GLU A 141 -3.29 7.01 46.09
N ASP A 142 -2.76 7.99 45.33
CA ASP A 142 -3.48 9.24 45.19
C ASP A 142 -4.81 9.06 44.46
N PHE A 143 -4.85 8.13 43.49
CA PHE A 143 -6.11 7.84 42.81
C PHE A 143 -7.10 7.16 43.74
N LEU A 144 -6.62 6.39 44.71
CA LEU A 144 -7.51 5.66 45.61
C LEU A 144 -8.27 6.59 46.55
N LYS A 145 -7.76 7.79 46.79
CA LYS A 145 -8.43 8.71 47.70
C LYS A 145 -9.79 9.15 47.14
N HIS A 146 -9.95 9.12 45.82
CA HIS A 146 -11.23 9.43 45.21
C HIS A 146 -12.24 8.29 45.35
N ILE A 147 -11.77 7.07 45.65
CA ILE A 147 -12.62 5.90 45.75
C ILE A 147 -13.27 5.83 47.13
N SER A 148 -14.49 5.29 47.18
CA SER A 148 -15.19 5.04 48.42
C SER A 148 -16.08 3.82 48.24
N TYR A 149 -16.55 3.27 49.37
CA TYR A 149 -17.34 2.04 49.36
C TYR A 149 -18.68 2.27 50.05
N PHE A 150 -19.70 1.57 49.55
CA PHE A 150 -21.06 1.71 50.06
C PHE A 150 -21.70 0.33 50.10
N CYS A 151 -22.20 -0.07 51.27
CA CYS A 151 -22.88 -1.34 51.44
C CYS A 151 -24.39 -1.12 51.48
N GLY A 152 -25.13 -1.95 50.75
CA GLY A 152 -26.58 -1.83 50.73
C GLY A 152 -27.18 -2.68 49.64
N ALA A 153 -28.50 -2.75 49.66
CA ALA A 153 -29.26 -3.52 48.68
C ALA A 153 -29.40 -2.76 47.37
N TYR A 154 -29.55 -3.53 46.28
CA TYR A 154 -29.79 -2.95 44.97
C TYR A 154 -31.24 -2.52 44.75
N ASP A 155 -32.16 -2.99 45.58
CA ASP A 155 -33.58 -2.68 45.43
C ASP A 155 -34.12 -1.82 46.57
N SER A 156 -33.25 -1.33 47.45
CA SER A 156 -33.68 -0.52 48.59
C SER A 156 -33.68 0.95 48.20
N VAL A 157 -34.88 1.54 48.08
CA VAL A 157 -34.97 2.97 47.82
C VAL A 157 -34.48 3.77 49.01
N ASP A 158 -34.47 3.17 50.21
CA ASP A 158 -33.91 3.86 51.37
C ASP A 158 -32.40 3.96 51.28
N ASP A 159 -31.73 2.86 50.88
CA ASP A 159 -30.28 2.90 50.75
C ASP A 159 -29.84 3.85 49.64
N PHE A 160 -30.63 3.97 48.58
CA PHE A 160 -30.33 4.97 47.57
C PHE A 160 -30.58 6.38 48.08
N LYS A 161 -31.57 6.55 48.98
CA LYS A 161 -31.81 7.87 49.56
C LYS A 161 -30.70 8.27 50.52
N ARG A 162 -30.03 7.30 51.14
CA ARG A 162 -28.84 7.61 51.93
C ARG A 162 -27.59 7.65 51.08
N LEU A 163 -27.55 6.88 50.00
CA LEU A 163 -26.48 7.05 49.02
C LEU A 163 -26.59 8.42 48.35
N ASP A 164 -27.80 8.90 48.13
CA ASP A 164 -27.97 10.25 47.59
C ASP A 164 -27.47 11.31 48.56
N ALA A 165 -27.67 11.08 49.87
CA ALA A 165 -27.15 12.02 50.86
C ALA A 165 -25.64 12.02 50.88
N VAL A 166 -25.00 10.88 50.58
CA VAL A 166 -23.55 10.84 50.52
C VAL A 166 -23.05 11.54 49.26
N ILE A 167 -23.69 11.26 48.12
CA ILE A 167 -23.32 11.95 46.90
C ILE A 167 -23.65 13.44 47.00
N ARG A 168 -24.74 13.78 47.69
CA ARG A 168 -25.10 15.19 47.84
C ARG A 168 -24.07 15.95 48.65
N GLU A 169 -23.42 15.27 49.61
CA GLU A 169 -22.38 15.93 50.39
C GLU A 169 -21.14 16.19 49.53
N LYS A 170 -20.70 15.18 48.78
CA LYS A 170 -19.54 15.37 47.92
C LYS A 170 -19.84 16.33 46.78
N GLU A 171 -21.07 16.33 46.26
CA GLU A 171 -21.46 17.33 45.29
C GLU A 171 -21.50 18.72 45.90
N ASN A 172 -21.85 18.83 47.18
CA ASN A 172 -21.89 20.13 47.85
C ASN A 172 -20.50 20.64 48.22
N ALA A 173 -19.50 19.76 48.22
CA ALA A 173 -18.13 20.17 48.51
C ALA A 173 -17.42 20.72 47.28
N PHE A 174 -18.03 20.63 46.10
CA PHE A 174 -17.38 21.06 44.88
C PHE A 174 -17.12 22.56 44.91
N LYS A 175 -16.01 22.94 44.28
CA LYS A 175 -15.49 24.31 44.32
C LYS A 175 -15.49 24.87 42.91
N GLY A 176 -16.69 25.18 42.40
CA GLY A 176 -16.85 25.76 41.10
C GLY A 176 -18.12 26.57 41.01
N PRO A 177 -18.17 27.52 40.07
CA PRO A 177 -19.38 28.36 39.94
C PRO A 177 -20.64 27.57 39.65
N GLU A 178 -20.54 26.48 38.89
CA GLU A 178 -21.71 25.66 38.61
C GLU A 178 -22.13 24.87 39.84
N LYS A 179 -23.43 24.69 40.00
CA LYS A 179 -24.02 24.04 41.16
C LYS A 179 -24.60 22.69 40.75
N GLY A 180 -24.93 21.88 41.76
CA GLY A 180 -25.38 20.52 41.50
C GLY A 180 -24.20 19.60 41.24
N GLY A 181 -24.53 18.41 40.74
CA GLY A 181 -23.52 17.43 40.44
C GLY A 181 -23.95 16.50 39.32
N ASN A 182 -22.97 16.09 38.52
CA ASN A 182 -23.19 15.11 37.46
C ASN A 182 -22.95 13.70 37.99
N ARG A 183 -23.76 12.75 37.54
CA ARG A 183 -23.74 11.39 38.07
C ARG A 183 -23.74 10.39 36.93
N LEU A 184 -22.82 9.44 36.97
CA LEU A 184 -22.73 8.36 35.99
C LEU A 184 -22.76 7.04 36.73
N PHE A 185 -23.81 6.25 36.48
CA PHE A 185 -23.97 4.95 37.12
C PHE A 185 -23.48 3.85 36.19
N TYR A 186 -22.60 3.00 36.70
CA TYR A 186 -22.10 1.85 35.95
C TYR A 186 -22.70 0.59 36.55
N LEU A 187 -23.51 -0.12 35.77
CA LEU A 187 -24.19 -1.32 36.22
C LEU A 187 -23.37 -2.54 35.83
N ALA A 188 -22.31 -2.79 36.59
CA ALA A 188 -21.50 -4.00 36.42
C ALA A 188 -22.15 -5.18 37.13
N LEU A 189 -23.38 -5.45 36.73
CA LEU A 189 -24.28 -6.38 37.38
C LEU A 189 -24.93 -7.28 36.34
N PRO A 190 -25.40 -8.46 36.75
CA PRO A 190 -26.19 -9.27 35.82
C PRO A 190 -27.45 -8.54 35.41
N PRO A 191 -27.90 -8.76 34.17
CA PRO A 191 -28.98 -7.92 33.62
C PRO A 191 -30.27 -7.95 34.43
N SER A 192 -30.59 -9.07 35.09
CA SER A 192 -31.85 -9.16 35.83
C SER A 192 -31.95 -8.11 36.92
N VAL A 193 -30.81 -7.68 37.47
CA VAL A 193 -30.81 -6.65 38.50
C VAL A 193 -31.11 -5.26 37.94
N PHE A 194 -31.01 -5.08 36.62
CA PHE A 194 -31.06 -3.73 36.05
C PHE A 194 -32.41 -3.07 36.30
N ALA A 195 -33.50 -3.84 36.28
CA ALA A 195 -34.82 -3.25 36.46
C ALA A 195 -34.98 -2.65 37.85
N SER A 196 -34.34 -3.24 38.87
CA SER A 196 -34.48 -2.73 40.22
C SER A 196 -33.54 -1.56 40.50
N VAL A 197 -32.34 -1.60 39.91
CA VAL A 197 -31.36 -0.55 40.19
C VAL A 197 -31.84 0.78 39.62
N CYS A 198 -32.34 0.77 38.38
CA CYS A 198 -32.85 2.01 37.79
C CYS A 198 -34.08 2.52 38.53
N GLU A 199 -34.91 1.61 39.06
CA GLU A 199 -36.04 2.05 39.85
C GLU A 199 -35.58 2.69 41.16
N SER A 200 -34.53 2.15 41.78
CA SER A 200 -33.97 2.76 42.97
C SER A 200 -33.28 4.09 42.66
N ILE A 201 -32.66 4.20 41.48
CA ILE A 201 -32.04 5.46 41.09
C ILE A 201 -33.09 6.52 40.85
N HIS A 202 -34.23 6.13 40.27
CA HIS A 202 -35.26 7.12 39.93
C HIS A 202 -35.93 7.67 41.18
N LYS A 203 -36.29 6.79 42.11
CA LYS A 203 -37.02 7.21 43.30
C LYS A 203 -36.11 7.86 44.35
N GLY A 204 -34.80 7.74 44.22
CA GLY A 204 -33.93 8.23 45.28
C GLY A 204 -32.59 8.83 44.86
N ALA A 205 -32.07 8.44 43.68
CA ALA A 205 -30.71 8.80 43.29
C ALA A 205 -30.66 9.73 42.07
N MET A 206 -31.78 10.34 41.69
CA MET A 206 -31.77 11.24 40.54
C MET A 206 -30.94 12.49 40.86
N PRO A 207 -30.37 13.14 39.84
CA PRO A 207 -29.41 14.23 40.09
C PRO A 207 -30.06 15.40 40.81
N GLN A 208 -29.23 16.10 41.59
CA GLN A 208 -29.70 17.21 42.40
C GLN A 208 -30.41 18.25 41.53
N GLU A 209 -31.48 18.83 42.07
CA GLU A 209 -32.36 19.67 41.26
C GLU A 209 -31.64 20.91 40.74
N VAL A 210 -30.64 21.40 41.47
CA VAL A 210 -29.98 22.64 41.07
C VAL A 210 -29.23 22.47 39.75
N GLY A 211 -28.76 21.27 39.46
CA GLY A 211 -28.07 21.03 38.20
C GLY A 211 -27.40 19.68 38.20
N GLY A 212 -26.95 19.30 37.01
CA GLY A 212 -26.31 18.02 36.79
C GLY A 212 -27.06 17.18 35.78
N TRP A 213 -26.48 16.00 35.50
CA TRP A 213 -27.07 15.06 34.56
C TRP A 213 -26.81 13.64 35.05
N VAL A 214 -27.63 12.71 34.57
CA VAL A 214 -27.53 11.30 34.93
C VAL A 214 -27.29 10.49 33.67
N ARG A 215 -26.38 9.51 33.77
CA ARG A 215 -26.11 8.58 32.68
C ARG A 215 -25.84 7.22 33.28
N VAL A 216 -26.33 6.18 32.61
CA VAL A 216 -26.35 4.82 33.15
C VAL A 216 -25.72 3.89 32.12
N ILE A 217 -24.57 3.34 32.45
CA ILE A 217 -23.92 2.32 31.63
C ILE A 217 -24.44 0.95 32.04
N ILE A 218 -24.79 0.12 31.06
CA ILE A 218 -25.26 -1.23 31.32
C ILE A 218 -24.48 -2.20 30.44
N GLU A 219 -24.23 -3.39 30.98
CA GLU A 219 -23.42 -4.41 30.33
C GLU A 219 -24.28 -5.46 29.63
N LYS A 220 -23.66 -6.14 28.67
CA LYS A 220 -24.27 -7.29 28.03
C LYS A 220 -24.25 -8.50 28.96
N PRO A 221 -25.12 -9.49 28.75
CA PRO A 221 -26.16 -9.63 27.71
C PRO A 221 -27.28 -8.61 27.79
N PHE A 222 -27.79 -8.21 26.64
CA PHE A 222 -28.99 -7.38 26.56
C PHE A 222 -30.15 -8.28 26.14
N GLY A 223 -30.47 -9.21 27.04
CA GLY A 223 -31.42 -10.27 26.73
C GLY A 223 -30.74 -11.42 26.00
N ARG A 224 -31.56 -12.40 25.62
CA ARG A 224 -31.09 -13.53 24.83
C ARG A 224 -31.95 -13.78 23.61
N ASP A 225 -33.05 -13.05 23.45
CA ASP A 225 -33.90 -13.16 22.27
C ASP A 225 -34.62 -11.82 22.09
N THR A 226 -35.31 -11.70 20.95
CA THR A 226 -35.90 -10.42 20.59
C THR A 226 -36.92 -9.96 21.61
N LYS A 227 -37.73 -10.89 22.15
CA LYS A 227 -38.75 -10.49 23.10
C LYS A 227 -38.17 -10.24 24.48
N SER A 228 -37.27 -11.11 24.94
CA SER A 228 -36.66 -10.92 26.26
C SER A 228 -35.84 -9.64 26.30
N SER A 229 -35.21 -9.26 25.19
CA SER A 229 -34.52 -7.98 25.13
C SER A 229 -35.52 -6.83 25.17
N ALA A 230 -36.65 -6.97 24.46
CA ALA A 230 -37.64 -5.91 24.46
C ALA A 230 -38.27 -5.74 25.83
N GLU A 231 -38.44 -6.84 26.56
CA GLU A 231 -38.94 -6.74 27.93
C GLU A 231 -37.96 -6.01 28.83
N LEU A 232 -36.66 -6.19 28.61
CA LEU A 232 -35.68 -5.55 29.46
C LEU A 232 -35.58 -4.06 29.18
N SER A 233 -35.60 -3.69 27.90
CA SER A 233 -35.55 -2.26 27.56
C SER A 233 -36.82 -1.54 28.00
N GLN A 234 -37.98 -2.20 27.89
CA GLN A 234 -39.21 -1.60 28.39
C GLN A 234 -39.22 -1.53 29.92
N ALA A 235 -38.55 -2.47 30.60
CA ALA A 235 -38.47 -2.40 32.05
C ALA A 235 -37.68 -1.19 32.51
N LEU A 236 -36.65 -0.80 31.76
CA LEU A 236 -35.88 0.40 32.04
C LEU A 236 -36.48 1.65 31.41
N GLU A 237 -37.48 1.50 30.55
CA GLU A 237 -38.04 2.64 29.82
C GLU A 237 -38.60 3.74 30.73
N PRO A 238 -39.40 3.44 31.77
CA PRO A 238 -39.97 4.54 32.56
C PRO A 238 -38.95 5.45 33.22
N PHE A 239 -37.79 4.92 33.60
CA PHE A 239 -36.83 5.69 34.39
C PHE A 239 -35.87 6.52 33.57
N PHE A 240 -35.51 6.08 32.37
CA PHE A 240 -34.47 6.77 31.60
C PHE A 240 -34.77 6.70 30.11
N ASP A 241 -34.38 7.77 29.41
CA ASP A 241 -34.48 7.85 27.97
C ASP A 241 -33.22 7.33 27.29
N GLU A 242 -33.27 7.21 25.96
CA GLU A 242 -32.13 6.69 25.21
C GLU A 242 -30.91 7.59 25.33
N SER A 243 -31.11 8.89 25.52
CA SER A 243 -29.97 9.78 25.67
C SER A 243 -29.20 9.51 26.96
N GLN A 244 -29.88 8.98 27.98
CA GLN A 244 -29.25 8.69 29.26
C GLN A 244 -28.70 7.28 29.36
N LEU A 245 -29.22 6.34 28.58
CA LEU A 245 -28.74 4.96 28.60
C LEU A 245 -27.57 4.79 27.64
N TYR A 246 -26.55 4.06 28.10
CA TYR A 246 -25.33 3.81 27.32
C TYR A 246 -25.01 2.32 27.39
N ARG A 247 -25.44 1.57 26.38
CA ARG A 247 -25.16 0.13 26.31
C ARG A 247 -23.82 -0.06 25.61
N ILE A 248 -22.77 -0.28 26.41
CA ILE A 248 -21.43 -0.40 25.84
C ILE A 248 -21.28 -1.71 25.07
N ASP A 249 -20.51 -1.65 23.99
CA ASP A 249 -20.00 -2.82 23.31
C ASP A 249 -18.48 -2.71 23.31
N HIS A 250 -17.81 -3.81 23.69
CA HIS A 250 -16.35 -3.75 23.88
C HIS A 250 -15.62 -3.36 22.61
N TYR A 251 -16.17 -3.71 21.44
CA TYR A 251 -15.43 -3.52 20.20
C TYR A 251 -15.59 -2.11 19.64
N LEU A 252 -16.70 -1.43 19.94
CA LEU A 252 -16.95 -0.13 19.32
C LEU A 252 -15.90 0.91 19.70
N GLY A 253 -15.25 0.76 20.85
CA GLY A 253 -14.19 1.68 21.23
C GLY A 253 -12.84 1.43 20.58
N LYS A 254 -12.65 0.28 19.95
CA LYS A 254 -11.35 -0.03 19.36
C LYS A 254 -11.07 0.87 18.16
N GLU A 255 -9.80 1.19 17.97
CA GLU A 255 -9.43 2.18 16.96
C GLU A 255 -9.72 1.69 15.55
N MET A 256 -9.41 0.42 15.25
CA MET A 256 -9.51 -0.05 13.87
C MET A 256 -10.95 -0.09 13.38
N VAL A 257 -11.91 -0.30 14.27
CA VAL A 257 -13.31 -0.32 13.85
C VAL A 257 -13.91 1.09 13.80
N GLN A 258 -13.47 1.99 14.69
CA GLN A 258 -13.85 3.40 14.55
C GLN A 258 -13.30 3.99 13.26
N ASN A 259 -12.18 3.45 12.77
CA ASN A 259 -11.60 3.91 11.51
C ASN A 259 -12.39 3.41 10.31
N ILE A 260 -13.26 2.42 10.48
CA ILE A 260 -14.03 1.89 9.36
C ILE A 260 -14.90 2.97 8.75
N ILE A 261 -15.47 3.84 9.58
CA ILE A 261 -16.26 4.95 9.05
C ILE A 261 -15.35 5.94 8.31
N THR A 262 -14.10 6.10 8.76
CA THR A 262 -13.21 7.06 8.13
C THR A 262 -12.56 6.50 6.88
N THR A 263 -12.21 5.21 6.89
CA THR A 263 -11.59 4.61 5.71
C THR A 263 -12.55 4.61 4.53
N ARG A 264 -13.86 4.54 4.79
CA ARG A 264 -14.83 4.42 3.71
C ARG A 264 -15.14 5.78 3.08
N PHE A 265 -15.71 6.70 3.85
CA PHE A 265 -16.32 7.90 3.29
C PHE A 265 -15.38 9.10 3.21
N ALA A 266 -14.29 9.12 3.98
CA ALA A 266 -13.31 10.19 3.83
C ALA A 266 -12.46 10.03 2.58
N ASN A 267 -12.49 8.85 1.95
CA ASN A 267 -11.68 8.56 0.77
C ASN A 267 -12.60 8.12 -0.36
N ARG A 268 -12.56 8.85 -1.47
CA ARG A 268 -13.37 8.47 -2.63
C ARG A 268 -12.92 7.14 -3.24
N ILE A 269 -11.64 6.79 -3.07
CA ILE A 269 -11.14 5.54 -3.66
C ILE A 269 -11.92 4.35 -3.13
N PHE A 270 -11.98 4.21 -1.80
CA PHE A 270 -12.80 3.17 -1.20
C PHE A 270 -14.29 3.41 -1.44
N SER A 271 -14.71 4.68 -1.48
CA SER A 271 -16.12 5.00 -1.69
C SER A 271 -16.60 4.57 -3.07
N ALA A 272 -15.76 4.68 -4.10
CA ALA A 272 -16.15 4.29 -5.45
C ALA A 272 -16.31 2.78 -5.61
N VAL A 273 -15.60 1.98 -4.80
CA VAL A 273 -15.62 0.53 -4.93
C VAL A 273 -16.45 -0.16 -3.85
N TRP A 274 -17.03 0.60 -2.92
CA TRP A 274 -17.78 0.02 -1.81
C TRP A 274 -19.23 -0.24 -2.25
N ASN A 275 -19.37 -1.19 -3.16
CA ASN A 275 -20.66 -1.53 -3.73
C ASN A 275 -20.57 -2.92 -4.36
N ALA A 276 -21.74 -3.48 -4.68
CA ALA A 276 -21.81 -4.82 -5.23
C ALA A 276 -21.11 -4.94 -6.59
N SER A 277 -20.96 -3.83 -7.31
CA SER A 277 -20.27 -3.88 -8.60
C SER A 277 -18.82 -4.31 -8.45
N ASN A 278 -18.22 -4.06 -7.29
CA ASN A 278 -16.82 -4.39 -7.05
C ASN A 278 -16.60 -5.42 -5.96
N ILE A 279 -17.41 -5.42 -4.90
CA ILE A 279 -17.23 -6.36 -3.79
C ILE A 279 -17.77 -7.72 -4.20
N ALA A 280 -16.93 -8.75 -4.10
CA ALA A 280 -17.36 -10.12 -4.40
C ALA A 280 -17.74 -10.91 -3.17
N CYS A 281 -17.09 -10.65 -2.03
CA CYS A 281 -17.40 -11.35 -0.80
C CYS A 281 -16.89 -10.55 0.39
N VAL A 282 -17.53 -10.74 1.53
CA VAL A 282 -17.17 -10.09 2.78
C VAL A 282 -17.10 -11.15 3.87
N GLN A 283 -16.06 -11.07 4.70
CA GLN A 283 -15.92 -12.00 5.81
C GLN A 283 -15.50 -11.24 7.06
N ILE A 284 -16.17 -11.52 8.18
CA ILE A 284 -15.85 -10.95 9.48
C ILE A 284 -15.61 -12.12 10.43
N THR A 285 -14.35 -12.32 10.81
CA THR A 285 -13.93 -13.51 11.54
C THR A 285 -13.55 -13.15 12.97
N PHE A 286 -13.86 -14.07 13.89
CA PHE A 286 -13.52 -13.94 15.31
C PHE A 286 -12.91 -15.28 15.74
N LYS A 287 -11.58 -15.32 15.86
CA LYS A 287 -10.88 -16.53 16.25
C LYS A 287 -10.20 -16.35 17.60
N GLU A 288 -10.14 -17.44 18.36
CA GLU A 288 -9.56 -17.42 19.70
C GLU A 288 -8.92 -18.77 20.00
N THR A 289 -7.62 -18.77 20.29
CA THR A 289 -6.96 -20.00 20.72
C THR A 289 -7.49 -20.48 22.06
N ILE A 290 -7.94 -19.56 22.92
CA ILE A 290 -8.40 -19.91 24.25
C ILE A 290 -9.67 -20.74 24.16
N GLY A 291 -9.74 -21.80 24.97
CA GLY A 291 -10.94 -22.58 25.11
C GLY A 291 -11.82 -22.04 26.23
N THR A 292 -12.82 -22.84 26.61
CA THR A 292 -13.63 -22.46 27.76
C THR A 292 -12.81 -22.53 29.04
N GLU A 293 -11.83 -23.43 29.10
CA GLU A 293 -10.84 -23.47 30.17
C GLU A 293 -11.47 -23.52 31.56
N GLY A 294 -12.40 -24.47 31.73
CA GLY A 294 -12.97 -24.74 33.03
C GLY A 294 -14.15 -23.87 33.45
N ARG A 295 -14.62 -23.00 32.57
CA ARG A 295 -15.80 -22.18 32.89
C ARG A 295 -16.94 -22.50 31.94
N GLY A 296 -17.23 -23.79 31.75
CA GLY A 296 -18.16 -24.19 30.71
C GLY A 296 -19.63 -23.95 31.01
N GLY A 297 -19.99 -23.82 32.29
CA GLY A 297 -21.40 -23.71 32.61
C GLY A 297 -22.00 -22.38 32.20
N TYR A 298 -21.23 -21.29 32.33
CA TYR A 298 -21.76 -19.97 31.99
C TYR A 298 -21.95 -19.81 30.48
N PHE A 299 -21.11 -20.47 29.68
CA PHE A 299 -21.22 -20.37 28.23
C PHE A 299 -22.28 -21.31 27.66
N ASP A 300 -22.67 -22.35 28.40
CA ASP A 300 -23.54 -23.37 27.84
C ASP A 300 -24.94 -22.84 27.54
N ASN A 301 -25.45 -21.91 28.36
CA ASN A 301 -26.77 -21.34 28.11
C ASN A 301 -26.73 -20.16 27.15
N ILE A 302 -25.54 -19.67 26.80
CA ILE A 302 -25.42 -18.56 25.87
C ILE A 302 -25.16 -19.11 24.47
N GLY A 303 -23.97 -19.62 24.24
CA GLY A 303 -23.56 -20.03 22.91
C GLY A 303 -22.83 -18.93 22.19
N ILE A 304 -22.01 -19.33 21.21
CA ILE A 304 -21.14 -18.37 20.55
C ILE A 304 -21.95 -17.42 19.67
N ILE A 305 -23.15 -17.81 19.25
CA ILE A 305 -23.93 -16.98 18.34
C ILE A 305 -24.34 -15.68 19.03
N ARG A 306 -24.82 -15.77 20.27
CA ARG A 306 -25.15 -14.56 21.03
C ARG A 306 -23.98 -14.05 21.87
N ASP A 307 -22.87 -14.76 21.91
CA ASP A 307 -21.73 -14.32 22.72
C ASP A 307 -20.96 -13.20 22.03
N VAL A 308 -20.62 -13.38 20.75
CA VAL A 308 -19.74 -12.45 20.07
C VAL A 308 -20.21 -12.15 18.65
N MET A 309 -21.30 -12.79 18.22
CA MET A 309 -21.77 -12.59 16.85
C MET A 309 -22.95 -11.62 16.75
N GLN A 310 -24.00 -11.84 17.55
CA GLN A 310 -25.15 -10.94 17.49
C GLN A 310 -24.79 -9.54 17.95
N ASN A 311 -23.76 -9.40 18.79
CA ASN A 311 -23.38 -8.11 19.33
C ASN A 311 -22.13 -7.56 18.63
N HIS A 312 -21.00 -8.22 18.80
CA HIS A 312 -19.73 -7.68 18.30
C HIS A 312 -19.69 -7.68 16.78
N LEU A 313 -19.77 -8.87 16.17
CA LEU A 313 -19.62 -8.96 14.72
C LEU A 313 -20.74 -8.24 13.98
N THR A 314 -21.96 -8.23 14.54
CA THR A 314 -23.05 -7.52 13.87
C THR A 314 -22.81 -6.02 13.87
N GLN A 315 -22.20 -5.48 14.94
CA GLN A 315 -21.87 -4.06 14.95
C GLN A 315 -20.81 -3.73 13.92
N ILE A 316 -19.86 -4.63 13.68
CA ILE A 316 -18.87 -4.42 12.64
C ILE A 316 -19.53 -4.49 11.26
N LEU A 317 -20.46 -5.43 11.08
CA LEU A 317 -21.14 -5.56 9.79
C LEU A 317 -21.98 -4.33 9.48
N ALA A 318 -22.56 -3.70 10.50
CA ALA A 318 -23.36 -2.50 10.25
C ALA A 318 -22.47 -1.34 9.80
N LEU A 319 -21.31 -1.19 10.43
CA LEU A 319 -20.40 -0.10 10.03
C LEU A 319 -19.82 -0.32 8.65
N LEU A 320 -19.71 -1.58 8.20
CA LEU A 320 -19.16 -1.85 6.88
C LEU A 320 -20.19 -1.60 5.78
N ALA A 321 -21.45 -1.95 6.01
CA ALA A 321 -22.46 -1.91 4.98
C ALA A 321 -23.38 -0.68 5.06
N MET A 322 -23.21 0.17 6.06
CA MET A 322 -24.11 1.30 6.24
C MET A 322 -23.94 2.31 5.12
N GLU A 323 -25.06 2.95 4.76
CA GLU A 323 -25.01 4.08 3.84
C GLU A 323 -24.38 5.29 4.52
N LYS A 324 -23.85 6.19 3.70
CA LYS A 324 -23.09 7.31 4.22
C LYS A 324 -23.96 8.19 5.09
N PRO A 325 -23.55 8.49 6.32
CA PRO A 325 -24.31 9.42 7.16
C PRO A 325 -24.31 10.83 6.57
N ARG A 326 -25.43 11.54 6.78
CA ARG A 326 -25.51 12.92 6.33
C ARG A 326 -24.52 13.81 7.08
N SER A 327 -24.15 13.43 8.30
CA SER A 327 -23.16 14.16 9.08
C SER A 327 -22.57 13.21 10.11
N LEU A 328 -21.52 13.68 10.79
CA LEU A 328 -20.84 12.89 11.80
C LEU A 328 -21.48 12.99 13.17
N ASP A 329 -22.67 13.59 13.26
CA ASP A 329 -23.42 13.59 14.51
C ASP A 329 -23.74 12.15 14.91
N ALA A 330 -23.73 11.89 16.23
CA ALA A 330 -23.83 10.53 16.72
C ALA A 330 -25.14 9.87 16.30
N GLU A 331 -26.23 10.65 16.27
CA GLU A 331 -27.52 10.08 15.87
C GLU A 331 -27.56 9.77 14.38
N CYS A 332 -26.84 10.54 13.56
CA CYS A 332 -26.83 10.26 12.12
C CYS A 332 -26.16 8.92 11.81
N ILE A 333 -25.15 8.54 12.61
CA ILE A 333 -24.45 7.29 12.35
C ILE A 333 -25.29 6.10 12.79
N ARG A 334 -25.90 6.17 13.97
CA ARG A 334 -26.76 5.08 14.42
C ARG A 334 -28.01 4.94 13.55
N ASP A 335 -28.49 6.04 12.98
CA ASP A 335 -29.67 5.96 12.11
C ASP A 335 -29.37 5.15 10.87
N GLU A 336 -28.20 5.34 10.27
CA GLU A 336 -27.81 4.52 9.13
C GLU A 336 -27.54 3.08 9.55
N LYS A 337 -27.07 2.86 10.78
CA LYS A 337 -26.80 1.50 11.25
C LYS A 337 -28.06 0.67 11.37
N VAL A 338 -29.20 1.30 11.68
CA VAL A 338 -30.42 0.52 11.82
C VAL A 338 -31.07 0.26 10.46
N SER A 339 -31.02 1.24 9.55
CA SER A 339 -31.66 1.07 8.25
C SER A 339 -30.98 0.00 7.42
N VAL A 340 -29.66 -0.15 7.55
CA VAL A 340 -28.96 -1.20 6.80
C VAL A 340 -29.28 -2.57 7.39
N LEU A 341 -29.41 -2.65 8.72
CA LEU A 341 -29.75 -3.92 9.35
C LEU A 341 -31.18 -4.34 9.02
N LYS A 342 -32.05 -3.37 8.72
CA LYS A 342 -33.43 -3.71 8.37
C LYS A 342 -33.54 -4.40 7.03
N CYS A 343 -32.54 -4.25 6.16
CA CYS A 343 -32.52 -4.96 4.88
C CYS A 343 -32.09 -6.41 5.01
N ILE A 344 -31.53 -6.80 6.15
CA ILE A 344 -31.01 -8.16 6.33
C ILE A 344 -32.14 -9.07 6.77
N GLU A 345 -32.40 -10.11 5.99
CA GLU A 345 -33.34 -11.16 6.36
C GLU A 345 -32.68 -12.10 7.38
N PRO A 346 -33.46 -12.64 8.32
CA PRO A 346 -32.87 -13.43 9.41
C PRO A 346 -32.17 -14.68 8.90
N ILE A 347 -31.08 -15.04 9.58
CA ILE A 347 -30.28 -16.19 9.20
C ILE A 347 -31.10 -17.46 9.32
N THR A 348 -30.94 -18.35 8.34
CA THR A 348 -31.63 -19.62 8.29
C THR A 348 -30.66 -20.76 8.61
N LYS A 349 -31.23 -21.92 8.95
CA LYS A 349 -30.41 -23.06 9.36
C LYS A 349 -29.54 -23.58 8.21
N GLU A 350 -29.97 -23.41 6.96
CA GLU A 350 -29.11 -23.79 5.85
C GLU A 350 -27.87 -22.91 5.76
N ASN A 351 -27.98 -21.65 6.18
CA ASN A 351 -26.87 -20.71 6.17
C ASN A 351 -26.10 -20.70 7.48
N CYS A 352 -25.87 -21.88 8.06
CA CYS A 352 -25.21 -21.96 9.35
C CYS A 352 -24.57 -23.33 9.49
N VAL A 353 -23.41 -23.37 10.14
CA VAL A 353 -22.70 -24.61 10.46
C VAL A 353 -22.08 -24.43 11.84
N LEU A 354 -22.57 -25.20 12.82
CA LEU A 354 -22.13 -25.07 14.20
C LEU A 354 -21.02 -26.06 14.52
N GLY A 355 -20.30 -25.79 15.61
CA GLY A 355 -19.21 -26.64 16.02
C GLY A 355 -19.02 -26.63 17.53
N GLN A 356 -18.34 -27.67 18.01
CA GLN A 356 -18.08 -27.82 19.45
C GLN A 356 -16.73 -28.49 19.60
N TYR A 357 -15.79 -27.80 20.26
CA TYR A 357 -14.42 -28.29 20.33
C TYR A 357 -14.29 -29.45 21.31
N THR A 358 -13.33 -30.32 21.02
CA THR A 358 -13.02 -31.50 21.83
C THR A 358 -11.59 -31.41 22.34
N ALA A 359 -11.16 -32.47 23.03
CA ALA A 359 -9.80 -32.51 23.55
C ALA A 359 -8.79 -32.47 22.41
N SER A 360 -7.72 -31.72 22.61
CA SER A 360 -6.69 -31.58 21.60
C SER A 360 -5.89 -32.87 21.46
N ALA A 361 -5.32 -33.07 20.27
CA ALA A 361 -4.56 -34.29 20.01
C ALA A 361 -3.36 -34.41 20.93
N ASP A 362 -2.75 -33.29 21.32
CA ASP A 362 -1.69 -33.33 22.31
C ASP A 362 -2.22 -33.49 23.73
N GLY A 363 -3.51 -33.26 23.95
CA GLY A 363 -4.08 -33.33 25.27
C GLY A 363 -3.84 -32.12 26.14
N SER A 364 -3.30 -31.04 25.58
CA SER A 364 -2.95 -29.88 26.39
C SER A 364 -4.19 -29.16 26.91
N ILE A 365 -5.16 -28.90 26.02
CA ILE A 365 -6.38 -28.19 26.39
C ILE A 365 -7.51 -29.22 26.50
N PRO A 366 -8.14 -29.37 27.67
CA PRO A 366 -9.25 -30.32 27.80
C PRO A 366 -10.43 -29.94 26.91
N GLY A 367 -11.14 -30.96 26.44
CA GLY A 367 -12.27 -30.73 25.57
C GLY A 367 -13.43 -30.07 26.28
N TYR A 368 -14.33 -29.50 25.48
CA TYR A 368 -15.43 -28.72 26.05
C TYR A 368 -16.33 -29.57 26.91
N LEU A 369 -16.52 -30.84 26.55
CA LEU A 369 -17.31 -31.74 27.36
C LEU A 369 -16.50 -32.42 28.46
N GLU A 370 -15.18 -32.39 28.38
CA GLU A 370 -14.36 -32.89 29.48
C GLU A 370 -14.43 -31.99 30.70
N ASP A 371 -14.81 -30.72 30.51
CA ASP A 371 -14.99 -29.82 31.65
C ASP A 371 -16.12 -30.34 32.54
N VAL A 372 -15.91 -30.25 33.86
CA VAL A 372 -16.90 -30.78 34.80
C VAL A 372 -18.19 -29.98 34.75
N THR A 373 -18.12 -28.67 34.47
CA THR A 373 -19.29 -27.81 34.61
C THR A 373 -20.34 -28.07 33.53
N VAL A 374 -19.93 -28.55 32.36
CA VAL A 374 -20.87 -28.66 31.24
C VAL A 374 -21.74 -29.88 31.43
N PRO A 375 -23.06 -29.77 31.27
CA PRO A 375 -23.91 -30.96 31.20
C PRO A 375 -23.56 -31.81 30.00
N GLU A 376 -23.67 -33.14 30.16
CA GLU A 376 -23.43 -34.05 29.05
C GLU A 376 -24.52 -33.89 27.99
N GLY A 377 -24.12 -34.04 26.73
CA GLY A 377 -25.07 -34.00 25.63
C GLY A 377 -25.51 -32.62 25.21
N SER A 378 -24.83 -31.57 25.67
CA SER A 378 -25.25 -30.21 25.36
C SER A 378 -25.12 -29.92 23.86
N THR A 379 -26.10 -29.18 23.33
CA THR A 379 -26.09 -28.73 21.96
C THR A 379 -25.54 -27.31 21.80
N CYS A 380 -24.90 -26.79 22.84
CA CYS A 380 -24.38 -25.43 22.79
C CYS A 380 -23.24 -25.32 21.77
N PRO A 381 -23.24 -24.30 20.91
CA PRO A 381 -22.18 -24.18 19.91
C PRO A 381 -21.00 -23.32 20.38
N THR A 382 -19.79 -23.88 20.29
CA THR A 382 -18.58 -23.10 20.46
C THR A 382 -18.05 -22.55 19.14
N PHE A 383 -18.71 -22.84 18.02
CA PHE A 383 -18.27 -22.44 16.70
C PHE A 383 -19.50 -22.19 15.84
N ALA A 384 -19.42 -21.19 14.96
CA ALA A 384 -20.57 -20.82 14.14
C ALA A 384 -20.10 -19.98 12.96
N VAL A 385 -20.26 -20.51 11.75
CA VAL A 385 -20.10 -19.75 10.51
C VAL A 385 -21.47 -19.59 9.88
N MET A 386 -21.75 -18.38 9.38
CA MET A 386 -23.06 -18.06 8.83
C MET A 386 -22.91 -17.12 7.65
N ARG A 387 -23.90 -17.14 6.76
CA ARG A 387 -24.02 -16.18 5.68
C ARG A 387 -25.20 -15.27 5.94
N LEU A 388 -25.00 -13.97 5.77
CA LEU A 388 -26.07 -12.98 5.82
C LEU A 388 -26.32 -12.45 4.42
N ASN A 389 -27.56 -12.02 4.17
CA ASN A 389 -27.97 -11.52 2.86
C ASN A 389 -28.59 -10.13 3.03
N ILE A 390 -27.82 -9.09 2.72
CA ILE A 390 -28.36 -7.74 2.66
C ILE A 390 -29.08 -7.56 1.33
N ASN A 391 -30.22 -6.87 1.36
CA ASN A 391 -31.06 -6.68 0.18
C ASN A 391 -31.29 -5.19 -0.01
N ASN A 392 -30.40 -4.58 -0.79
CA ASN A 392 -30.52 -3.17 -1.18
C ASN A 392 -29.69 -2.99 -2.44
N ASP A 393 -29.80 -1.79 -3.03
CA ASP A 393 -29.10 -1.53 -4.28
C ASP A 393 -27.59 -1.67 -4.13
N ARG A 394 -27.06 -1.42 -2.93
CA ARG A 394 -25.62 -1.46 -2.74
C ARG A 394 -25.11 -2.87 -2.48
N TRP A 395 -25.86 -3.68 -1.72
CA TRP A 395 -25.36 -4.96 -1.25
C TRP A 395 -26.20 -6.15 -1.74
N ALA A 396 -27.02 -5.98 -2.77
CA ALA A 396 -27.74 -7.13 -3.30
C ALA A 396 -26.77 -8.14 -3.86
N GLY A 397 -26.96 -9.42 -3.51
CA GLY A 397 -26.25 -10.51 -4.11
C GLY A 397 -24.86 -10.77 -3.59
N VAL A 398 -24.35 -9.97 -2.65
CA VAL A 398 -23.00 -10.13 -2.12
C VAL A 398 -23.09 -10.92 -0.82
N PRO A 399 -22.43 -12.07 -0.71
CA PRO A 399 -22.44 -12.81 0.56
C PRO A 399 -21.78 -12.02 1.68
N PHE A 400 -22.31 -12.17 2.88
CA PHE A 400 -21.73 -11.60 4.10
C PHE A 400 -21.51 -12.74 5.08
N ILE A 401 -20.27 -13.17 5.21
CA ILE A 401 -19.92 -14.36 5.99
C ILE A 401 -19.38 -13.91 7.34
N LEU A 402 -20.15 -14.18 8.40
CA LEU A 402 -19.70 -14.01 9.76
C LEU A 402 -19.15 -15.33 10.30
N LYS A 403 -18.12 -15.24 11.14
CA LYS A 403 -17.50 -16.43 11.69
C LYS A 403 -16.94 -16.12 13.07
N ALA A 404 -17.15 -17.04 14.00
CA ALA A 404 -16.64 -16.91 15.36
C ALA A 404 -16.44 -18.30 15.93
N GLY A 405 -15.35 -18.48 16.69
CA GLY A 405 -15.03 -19.78 17.24
C GLY A 405 -13.93 -19.75 18.28
N LYS A 406 -14.12 -20.49 19.37
CA LYS A 406 -13.12 -20.63 20.42
C LYS A 406 -12.29 -21.90 20.20
N ALA A 407 -11.09 -21.89 20.77
CA ALA A 407 -10.17 -23.03 20.71
C ALA A 407 -9.85 -23.42 19.27
N VAL A 408 -9.53 -22.41 18.45
CA VAL A 408 -9.14 -22.64 17.06
C VAL A 408 -7.63 -22.43 16.92
N GLU A 409 -7.15 -22.50 15.68
CA GLU A 409 -5.70 -22.55 15.45
C GLU A 409 -4.99 -21.26 15.83
N GLN A 410 -5.68 -20.12 15.80
CA GLN A 410 -4.99 -18.85 15.89
C GLN A 410 -5.91 -17.80 16.50
N LYS A 411 -5.31 -16.84 17.20
CA LYS A 411 -6.03 -15.74 17.83
C LYS A 411 -5.90 -14.48 16.97
N TYR A 412 -6.94 -14.18 16.20
CA TYR A 412 -7.00 -12.91 15.49
C TYR A 412 -8.44 -12.60 15.12
N VAL A 413 -8.72 -11.32 14.91
CA VAL A 413 -10.02 -10.84 14.48
C VAL A 413 -9.80 -9.82 13.36
N ALA A 414 -10.45 -10.03 12.22
CA ALA A 414 -10.15 -9.22 11.04
C ALA A 414 -11.32 -9.21 10.09
N ILE A 415 -11.40 -8.14 9.31
CA ILE A 415 -12.28 -8.04 8.15
C ILE A 415 -11.48 -8.41 6.92
N ARG A 416 -12.13 -9.10 5.96
CA ARG A 416 -11.44 -9.59 4.75
C ARG A 416 -12.40 -9.42 3.57
N ILE A 417 -12.38 -8.24 2.97
CA ILE A 417 -13.12 -7.99 1.74
C ILE A 417 -12.38 -8.62 0.56
N GLN A 418 -13.15 -9.15 -0.40
CA GLN A 418 -12.59 -9.72 -1.62
C GLN A 418 -13.29 -9.08 -2.81
N PHE A 419 -12.57 -8.24 -3.55
CA PHE A 419 -13.11 -7.60 -4.73
C PHE A 419 -13.14 -8.56 -5.91
N ARG A 420 -14.06 -8.32 -6.83
CA ARG A 420 -14.20 -9.18 -8.00
C ARG A 420 -12.93 -9.16 -8.85
N ASP A 421 -12.51 -10.33 -9.31
CA ASP A 421 -11.33 -10.41 -10.15
C ASP A 421 -11.62 -9.87 -11.55
N GLU A 422 -10.62 -9.23 -12.14
CA GLU A 422 -10.68 -8.76 -13.52
C GLU A 422 -10.00 -9.83 -14.38
N VAL A 423 -10.80 -10.69 -15.01
CA VAL A 423 -10.28 -11.90 -15.62
C VAL A 423 -9.54 -11.59 -16.93
N HIS A 424 -10.14 -10.79 -17.80
CA HIS A 424 -9.63 -10.65 -19.17
C HIS A 424 -8.21 -10.10 -19.27
N PRO A 425 -7.83 -9.01 -18.58
CA PRO A 425 -6.52 -8.41 -18.85
C PRO A 425 -5.34 -9.34 -18.64
N TYR A 426 -5.41 -10.27 -17.68
CA TYR A 426 -4.28 -11.14 -17.39
C TYR A 426 -4.62 -12.61 -17.23
N GLY A 427 -5.90 -12.99 -17.22
CA GLY A 427 -6.25 -14.39 -17.09
C GLY A 427 -5.77 -14.96 -15.77
N GLU A 428 -5.06 -16.09 -15.85
CA GLU A 428 -4.55 -16.75 -14.65
C GLU A 428 -3.38 -16.02 -14.02
N ALA A 429 -2.79 -15.04 -14.71
CA ALA A 429 -1.69 -14.28 -14.15
C ALA A 429 -2.11 -13.45 -12.93
N THR A 430 -3.39 -13.13 -12.81
CA THR A 430 -3.90 -12.30 -11.72
C THR A 430 -5.03 -13.01 -11.00
N GLN A 431 -5.47 -12.42 -9.90
CA GLN A 431 -6.49 -13.01 -9.04
C GLN A 431 -7.30 -11.88 -8.39
N ARG A 432 -8.15 -12.25 -7.45
CA ARG A 432 -8.97 -11.27 -6.73
C ARG A 432 -8.11 -10.32 -5.90
N ASN A 433 -8.53 -9.06 -5.86
CA ASN A 433 -8.00 -8.09 -4.92
C ASN A 433 -8.60 -8.33 -3.53
N GLU A 434 -7.88 -7.90 -2.51
CA GLU A 434 -8.33 -8.07 -1.13
C GLU A 434 -8.03 -6.82 -0.31
N LEU A 435 -8.91 -6.55 0.65
CA LEU A 435 -8.72 -5.48 1.63
C LEU A 435 -8.91 -6.09 3.02
N VAL A 436 -7.82 -6.17 3.79
CA VAL A 436 -7.84 -6.80 5.09
C VAL A 436 -7.74 -5.72 6.17
N ILE A 437 -8.54 -5.87 7.22
CA ILE A 437 -8.53 -4.97 8.37
C ILE A 437 -8.52 -5.80 9.65
N ARG A 438 -7.34 -6.07 10.21
CA ARG A 438 -7.25 -6.81 11.46
C ARG A 438 -7.12 -5.84 12.64
N ALA A 439 -7.73 -6.21 13.77
CA ALA A 439 -7.68 -5.42 14.99
C ALA A 439 -6.83 -6.05 16.07
N GLN A 440 -6.89 -7.37 16.20
CA GLN A 440 -6.05 -8.13 17.11
C GLN A 440 -5.48 -9.34 16.39
N PRO A 441 -4.31 -9.84 16.81
CA PRO A 441 -3.40 -9.43 17.90
C PRO A 441 -2.86 -8.01 17.79
N SER A 442 -2.66 -7.52 16.57
CA SER A 442 -2.11 -6.20 16.35
C SER A 442 -2.90 -5.50 15.26
N GLU A 443 -3.08 -4.19 15.41
CA GLU A 443 -3.79 -3.40 14.41
C GLU A 443 -3.00 -3.39 13.10
N ALA A 444 -3.71 -3.58 12.00
CA ALA A 444 -3.08 -3.54 10.68
C ALA A 444 -4.16 -3.40 9.62
N MET A 445 -3.82 -2.70 8.54
CA MET A 445 -4.68 -2.60 7.37
C MET A 445 -3.80 -2.60 6.13
N TYR A 446 -4.23 -3.34 5.12
CA TYR A 446 -3.47 -3.45 3.88
C TYR A 446 -4.39 -3.96 2.79
N VAL A 447 -4.07 -3.60 1.54
CA VAL A 447 -4.82 -4.03 0.38
C VAL A 447 -3.89 -4.82 -0.53
N LYS A 448 -4.32 -6.01 -0.92
CA LYS A 448 -3.52 -6.88 -1.78
C LYS A 448 -3.84 -6.61 -3.25
N ILE A 449 -2.78 -6.54 -4.06
CA ILE A 449 -2.90 -6.22 -5.48
C ILE A 449 -1.88 -7.05 -6.26
N THR A 450 -2.14 -7.18 -7.56
CA THR A 450 -1.21 -7.83 -8.47
C THR A 450 -0.28 -6.80 -9.11
N THR A 451 1.00 -7.13 -9.17
CA THR A 451 2.00 -6.27 -9.79
C THR A 451 2.99 -7.13 -10.56
N LYS A 452 3.63 -6.51 -11.56
CA LYS A 452 4.68 -7.18 -12.31
C LYS A 452 5.86 -7.48 -11.38
N VAL A 453 6.45 -8.67 -11.55
CA VAL A 453 7.58 -9.10 -10.74
C VAL A 453 8.86 -8.60 -11.41
N PRO A 454 9.68 -7.79 -10.73
CA PRO A 454 10.89 -7.27 -11.38
C PRO A 454 11.84 -8.38 -11.77
N GLY A 455 12.52 -8.19 -12.90
CA GLY A 455 13.46 -9.18 -13.37
C GLY A 455 13.39 -9.40 -14.87
N LEU A 456 12.64 -10.43 -15.28
CA LEU A 456 12.58 -10.78 -16.69
C LEU A 456 11.93 -9.65 -17.49
N SER A 457 12.53 -9.33 -18.63
CA SER A 457 12.02 -8.26 -19.49
C SER A 457 10.79 -8.70 -20.27
N GLY A 458 10.66 -9.99 -20.57
CA GLY A 458 9.62 -10.49 -21.44
C GLY A 458 8.42 -11.04 -20.68
N ASP A 459 7.72 -11.96 -21.34
CA ASP A 459 6.56 -12.64 -20.78
C ASP A 459 5.42 -11.67 -20.54
N LEU A 460 5.61 -10.75 -19.57
CA LEU A 460 4.63 -9.74 -19.18
C LEU A 460 3.45 -10.35 -18.44
N ARG A 461 3.26 -11.66 -18.54
CA ARG A 461 2.30 -12.37 -17.70
C ARG A 461 2.89 -12.73 -16.33
N GLN A 462 4.20 -12.57 -16.13
CA GLN A 462 4.81 -12.92 -14.86
C GLN A 462 4.50 -11.85 -13.84
N THR A 463 3.78 -12.23 -12.78
CA THR A 463 3.28 -11.30 -11.78
C THR A 463 3.34 -11.97 -10.42
N HIS A 464 3.21 -11.14 -9.37
CA HIS A 464 3.23 -11.64 -8.01
C HIS A 464 2.34 -10.76 -7.15
N GLN A 465 1.64 -11.38 -6.20
CA GLN A 465 0.78 -10.65 -5.29
C GLN A 465 1.60 -9.80 -4.33
N THR A 466 1.06 -8.64 -3.97
CA THR A 466 1.73 -7.72 -3.06
C THR A 466 0.69 -6.94 -2.27
N GLU A 467 1.09 -6.51 -1.08
CA GLU A 467 0.22 -5.77 -0.18
C GLU A 467 0.68 -4.31 -0.09
N LEU A 468 -0.28 -3.41 0.06
CA LEU A 468 -0.03 -2.00 0.28
C LEU A 468 -0.35 -1.69 1.75
N ASP A 469 0.61 -2.02 2.63
CA ASP A 469 0.40 -1.86 4.06
C ASP A 469 0.26 -0.39 4.43
N LEU A 470 -0.65 -0.10 5.36
CA LEU A 470 -0.79 1.24 5.90
C LEU A 470 0.40 1.57 6.78
N THR A 471 0.85 2.82 6.72
CA THR A 471 1.95 3.29 7.55
C THR A 471 1.58 4.65 8.13
N TYR A 472 1.78 4.81 9.43
CA TYR A 472 1.40 6.05 10.11
C TYR A 472 2.61 6.80 10.69
N LEU A 480 -0.84 5.09 25.42
CA LEU A 480 -1.83 4.03 25.26
C LEU A 480 -3.04 4.21 26.16
N PRO A 481 -4.18 4.57 25.57
CA PRO A 481 -5.46 4.42 26.28
C PRO A 481 -6.32 3.35 25.63
N ASP A 482 -6.48 2.22 26.31
CA ASP A 482 -7.16 1.08 25.73
C ASP A 482 -8.64 1.40 25.50
N ALA A 483 -9.23 0.69 24.54
CA ALA A 483 -10.55 1.04 24.04
C ALA A 483 -11.61 1.02 25.13
N TYR A 484 -11.42 0.20 26.16
CA TYR A 484 -12.37 0.19 27.26
C TYR A 484 -12.40 1.55 27.96
N GLU A 485 -11.24 2.18 28.14
CA GLU A 485 -11.19 3.51 28.72
C GLU A 485 -11.82 4.55 27.81
N SER A 486 -11.67 4.38 26.48
CA SER A 486 -12.21 5.36 25.55
C SER A 486 -13.73 5.38 25.57
N LEU A 487 -14.37 4.23 25.78
CA LEU A 487 -15.83 4.19 25.86
C LEU A 487 -16.33 4.88 27.11
N ILE A 488 -15.63 4.73 28.23
CA ILE A 488 -16.02 5.44 29.45
C ILE A 488 -15.84 6.93 29.28
N ASN A 489 -14.76 7.35 28.60
CA ASN A 489 -14.56 8.76 28.33
C ASN A 489 -15.61 9.29 27.35
N ASP A 490 -16.06 8.45 26.41
CA ASP A 490 -17.12 8.87 25.51
C ASP A 490 -18.42 9.09 26.26
N ALA A 491 -18.70 8.25 27.27
CA ALA A 491 -19.91 8.44 28.06
C ALA A 491 -19.83 9.68 28.92
N LEU A 492 -18.63 9.99 29.45
CA LEU A 492 -18.46 11.20 30.24
C LEU A 492 -18.62 12.46 29.40
N LEU A 493 -18.22 12.41 28.13
CA LEU A 493 -18.33 13.55 27.24
C LEU A 493 -19.68 13.64 26.54
N GLY A 494 -20.54 12.63 26.69
CA GLY A 494 -21.82 12.62 26.02
C GLY A 494 -21.79 12.18 24.57
N ASN A 495 -20.66 11.68 24.09
CA ASN A 495 -20.54 11.22 22.70
C ASN A 495 -21.04 9.78 22.63
N SER A 496 -22.31 9.63 22.25
CA SER A 496 -22.97 8.33 22.20
C SER A 496 -22.73 7.60 20.88
N THR A 497 -21.76 8.05 20.07
CA THR A 497 -21.55 7.46 18.76
C THR A 497 -21.18 5.98 18.84
N ASN A 498 -20.49 5.57 19.91
CA ASN A 498 -19.96 4.23 20.05
C ASN A 498 -20.76 3.41 21.06
N PHE A 499 -22.06 3.62 21.11
CA PHE A 499 -22.94 2.87 22.00
C PHE A 499 -24.17 2.42 21.20
N VAL A 500 -24.53 1.14 21.33
CA VAL A 500 -25.67 0.60 20.59
C VAL A 500 -26.96 1.24 21.08
N ARG A 501 -27.81 1.62 20.13
CA ARG A 501 -29.11 2.21 20.42
C ARG A 501 -30.18 1.13 20.54
N LYS A 502 -31.31 1.50 21.14
CA LYS A 502 -32.38 0.54 21.40
C LYS A 502 -32.92 -0.05 20.09
N ASP A 503 -33.26 0.82 19.13
CA ASP A 503 -33.76 0.32 17.86
C ASP A 503 -32.68 -0.45 17.11
N GLU A 504 -31.41 -0.07 17.29
CA GLU A 504 -30.31 -0.83 16.70
C GLU A 504 -30.17 -2.21 17.33
N LEU A 505 -30.54 -2.36 18.61
CA LEU A 505 -30.32 -3.61 19.32
C LEU A 505 -31.39 -4.64 19.01
N ASP A 506 -32.67 -4.24 19.10
CA ASP A 506 -33.74 -5.21 18.90
C ASP A 506 -33.82 -5.69 17.46
N VAL A 507 -33.46 -4.84 16.49
CA VAL A 507 -33.42 -5.30 15.10
C VAL A 507 -32.32 -6.32 14.90
N ALA A 508 -31.20 -6.19 15.61
CA ALA A 508 -30.14 -7.19 15.55
C ALA A 508 -30.61 -8.52 16.15
N TRP A 509 -31.45 -8.47 17.17
CA TRP A 509 -31.98 -9.70 17.75
C TRP A 509 -32.91 -10.42 16.78
N ARG A 510 -33.69 -9.66 16.01
CA ARG A 510 -34.63 -10.28 15.08
C ARG A 510 -33.91 -11.01 13.95
N ILE A 511 -32.72 -10.55 13.57
CA ILE A 511 -31.96 -11.23 12.54
C ILE A 511 -31.50 -12.61 13.02
N PHE A 512 -31.21 -12.75 14.31
CA PHE A 512 -30.62 -13.97 14.83
C PHE A 512 -31.60 -14.91 15.52
N THR A 513 -32.70 -14.38 16.06
CA THR A 513 -33.58 -15.19 16.91
C THR A 513 -34.15 -16.42 16.23
N PRO A 514 -34.70 -16.35 15.00
CA PRO A 514 -35.26 -17.58 14.41
C PRO A 514 -34.23 -18.69 14.26
N LEU A 515 -32.98 -18.34 13.97
CA LEU A 515 -31.92 -19.33 14.02
C LEU A 515 -31.62 -19.75 15.45
N LEU A 516 -31.67 -18.80 16.39
CA LEU A 516 -31.42 -19.12 17.79
C LEU A 516 -32.50 -20.01 18.38
N HIS A 517 -33.75 -19.84 17.94
CA HIS A 517 -34.81 -20.75 18.38
C HIS A 517 -34.62 -22.14 17.82
N GLN A 518 -34.01 -22.25 16.63
CA GLN A 518 -33.79 -23.56 16.04
C GLN A 518 -32.69 -24.33 16.75
N ILE A 519 -31.58 -23.65 17.07
CA ILE A 519 -30.49 -24.32 17.75
C ILE A 519 -30.90 -24.73 19.17
N ASP A 520 -31.75 -23.93 19.82
CA ASP A 520 -32.27 -24.33 21.12
C ASP A 520 -33.23 -25.51 20.99
N SER A 521 -33.92 -25.62 19.86
CA SER A 521 -34.84 -26.72 19.61
C SER A 521 -34.15 -27.94 19.01
N GLY A 522 -32.84 -27.86 18.72
CA GLY A 522 -32.11 -28.99 18.21
C GLY A 522 -32.25 -29.26 16.73
N GLU A 523 -32.77 -28.31 15.95
CA GLU A 523 -32.87 -28.52 14.50
C GLU A 523 -31.50 -28.68 13.87
N ILE A 524 -30.48 -28.04 14.43
CA ILE A 524 -29.09 -28.25 14.05
C ILE A 524 -28.26 -28.32 15.32
N LYS A 525 -27.18 -29.09 15.27
CA LYS A 525 -26.33 -29.33 16.42
C LYS A 525 -24.87 -29.16 16.03
N PRO A 526 -24.01 -28.80 17.00
CA PRO A 526 -22.61 -28.50 16.65
C PRO A 526 -21.87 -29.70 16.09
N ILE A 527 -20.96 -29.42 15.16
CA ILE A 527 -20.05 -30.39 14.54
C ILE A 527 -18.80 -30.50 15.41
N PRO A 528 -18.42 -31.69 15.87
CA PRO A 528 -17.19 -31.81 16.66
C PRO A 528 -15.96 -31.41 15.86
N TYR A 529 -14.99 -30.80 16.55
CA TYR A 529 -13.70 -30.47 15.96
C TYR A 529 -12.65 -30.43 17.04
N GLN A 530 -11.47 -30.97 16.74
CA GLN A 530 -10.38 -30.99 17.70
C GLN A 530 -9.80 -29.60 17.89
N ALA A 531 -9.38 -29.32 19.12
CA ALA A 531 -8.82 -28.01 19.44
C ALA A 531 -7.51 -27.75 18.71
N GLY A 532 -7.31 -26.50 18.32
CA GLY A 532 -6.12 -26.09 17.59
C GLY A 532 -6.22 -26.23 16.09
N THR A 533 -7.33 -26.74 15.57
CA THR A 533 -7.58 -26.78 14.13
C THR A 533 -8.50 -25.62 13.74
N ARG A 534 -8.59 -25.38 12.43
CA ARG A 534 -9.42 -24.28 11.94
C ARG A 534 -10.88 -24.45 12.32
N GLY A 535 -11.32 -25.70 12.50
CA GLY A 535 -12.69 -25.97 12.85
C GLY A 535 -13.18 -27.23 12.16
N PRO A 536 -14.50 -27.40 12.07
CA PRO A 536 -15.04 -28.49 11.26
C PRO A 536 -14.67 -28.31 9.80
N LYS A 537 -14.38 -29.43 9.12
CA LYS A 537 -14.08 -29.35 7.71
C LYS A 537 -15.30 -28.97 6.88
N GLU A 538 -16.50 -29.24 7.39
CA GLU A 538 -17.71 -28.79 6.70
C GLU A 538 -17.84 -27.28 6.69
N ALA A 539 -17.29 -26.61 7.70
CA ALA A 539 -17.38 -25.15 7.75
C ALA A 539 -16.56 -24.51 6.63
N ASP A 540 -15.40 -25.09 6.30
CA ASP A 540 -14.54 -24.49 5.29
C ASP A 540 -15.17 -24.57 3.90
N GLU A 541 -15.79 -25.70 3.58
CA GLU A 541 -16.47 -25.80 2.28
C GLU A 541 -17.69 -24.91 2.21
N PHE A 542 -18.35 -24.66 3.36
CA PHE A 542 -19.43 -23.67 3.36
C PHE A 542 -18.90 -22.27 3.06
N ILE A 543 -17.69 -21.97 3.52
CA ILE A 543 -17.08 -20.69 3.18
C ILE A 543 -16.73 -20.65 1.70
N ALA A 544 -16.21 -21.75 1.16
CA ALA A 544 -15.92 -21.83 -0.27
C ALA A 544 -17.19 -21.79 -1.12
N ASN A 545 -18.31 -22.27 -0.58
CA ASN A 545 -19.55 -22.32 -1.34
C ASN A 545 -20.32 -21.00 -1.32
N ASN A 546 -19.85 -20.00 -0.58
CA ASN A 546 -20.58 -18.74 -0.49
C ASN A 546 -19.71 -17.56 -0.89
N GLY A 547 -19.00 -17.68 -2.01
CA GLY A 547 -18.32 -16.56 -2.64
C GLY A 547 -16.87 -16.36 -2.23
N PHE A 548 -16.41 -17.00 -1.17
CA PHE A 548 -14.99 -16.93 -0.82
C PHE A 548 -14.18 -17.77 -1.80
N LYS A 549 -12.97 -17.29 -2.12
CA LYS A 549 -12.16 -18.01 -3.11
C LYS A 549 -10.68 -17.61 -3.08
N HIS A 550 -10.19 -16.96 -2.03
CA HIS A 550 -8.78 -16.59 -2.00
C HIS A 550 -7.90 -17.83 -1.97
N GLN A 551 -6.84 -17.82 -2.78
CA GLN A 551 -5.86 -18.89 -2.84
C GLN A 551 -4.53 -18.27 -3.24
N LYS A 552 -3.48 -19.08 -3.17
CA LYS A 552 -2.13 -18.63 -3.53
C LYS A 552 -2.08 -18.06 -4.95
N ASP B 9 57.76 -23.33 -19.34
CA ASP B 9 57.28 -21.96 -19.38
C ASP B 9 56.52 -21.58 -18.11
N GLN B 10 55.72 -20.51 -18.19
CA GLN B 10 54.89 -20.05 -17.09
C GLN B 10 53.44 -19.94 -17.58
N ASP B 11 52.88 -21.08 -17.95
CA ASP B 11 51.59 -21.13 -18.61
C ASP B 11 50.45 -20.81 -17.64
N ALA B 12 49.33 -20.32 -18.21
CA ALA B 12 48.06 -20.13 -17.51
C ALA B 12 48.13 -19.06 -16.44
N TYR B 13 49.24 -18.99 -15.70
CA TYR B 13 49.36 -18.03 -14.62
C TYR B 13 49.31 -16.59 -15.13
N VAL B 14 49.72 -16.36 -16.37
CA VAL B 14 49.72 -14.99 -16.90
C VAL B 14 48.31 -14.44 -17.01
N ALA B 15 47.32 -15.31 -17.29
CA ALA B 15 45.95 -14.82 -17.46
C ALA B 15 45.36 -14.30 -16.15
N ASP B 16 45.78 -14.86 -15.02
CA ASP B 16 45.24 -14.41 -13.74
C ASP B 16 45.83 -13.06 -13.33
N VAL B 17 47.12 -12.87 -13.55
CA VAL B 17 47.76 -11.60 -13.18
C VAL B 17 47.21 -10.47 -14.04
N ASP B 18 47.07 -10.69 -15.35
CA ASP B 18 46.50 -9.67 -16.21
C ASP B 18 45.04 -9.40 -15.85
N GLY B 19 44.35 -10.38 -15.27
CA GLY B 19 42.97 -10.19 -14.90
C GLY B 19 42.78 -9.33 -13.67
N ILE B 20 43.84 -9.11 -12.91
CA ILE B 20 43.79 -8.11 -11.84
C ILE B 20 43.98 -6.72 -12.42
N LEU B 21 45.12 -6.48 -13.07
CA LEU B 21 45.54 -5.11 -13.37
C LEU B 21 44.54 -4.38 -14.26
N ASP B 22 43.84 -5.08 -15.16
CA ASP B 22 42.81 -4.40 -15.94
C ASP B 22 41.60 -4.02 -15.10
N VAL B 23 41.33 -4.77 -14.03
CA VAL B 23 40.13 -4.51 -13.22
C VAL B 23 40.28 -3.21 -12.45
N LEU B 24 41.43 -3.03 -11.77
CA LEU B 24 41.64 -1.77 -11.06
C LEU B 24 41.70 -0.61 -12.03
N ARG B 25 42.31 -0.81 -13.19
CA ARG B 25 42.61 0.31 -14.10
C ARG B 25 41.34 0.98 -14.59
N ALA B 26 40.27 0.21 -14.80
CA ALA B 26 38.99 0.83 -15.13
C ALA B 26 38.46 1.67 -13.98
N GLN B 27 38.63 1.18 -12.75
CA GLN B 27 38.22 1.97 -11.59
C GLN B 27 39.13 3.18 -11.38
N VAL B 28 40.41 3.08 -11.74
CA VAL B 28 41.30 4.22 -11.58
C VAL B 28 40.85 5.38 -12.44
N LEU B 29 40.37 5.10 -13.65
CA LEU B 29 39.89 6.19 -14.50
C LEU B 29 38.59 6.75 -13.95
N GLU B 30 37.69 5.89 -13.47
CA GLU B 30 36.45 6.38 -12.90
C GLU B 30 36.68 7.11 -11.57
N ARG B 31 37.69 6.69 -10.80
CA ARG B 31 38.06 7.44 -9.60
C ARG B 31 38.69 8.78 -9.96
N LYS B 32 39.44 8.85 -11.07
CA LYS B 32 39.85 10.13 -11.65
C LYS B 32 40.73 10.90 -10.65
N PRO B 33 40.77 12.24 -10.60
CA PRO B 33 41.62 12.89 -9.60
C PRO B 33 41.21 12.57 -8.17
N ASP B 34 42.19 12.56 -7.28
CA ASP B 34 43.53 13.04 -7.59
C ASP B 34 44.54 11.92 -7.76
N ASP B 35 45.58 11.94 -6.93
CA ASP B 35 46.62 10.93 -7.02
C ASP B 35 46.04 9.55 -6.71
N ILE B 36 46.47 8.57 -7.50
CA ILE B 36 45.92 7.22 -7.45
C ILE B 36 46.69 6.32 -6.49
N PHE B 37 47.57 6.90 -5.67
CA PHE B 37 48.54 6.08 -4.92
C PHE B 37 47.85 5.13 -3.94
N GLN B 38 46.76 5.57 -3.32
CA GLN B 38 46.03 4.75 -2.38
C GLN B 38 44.90 3.96 -3.02
N PHE B 39 44.40 4.42 -4.17
CA PHE B 39 43.22 3.79 -4.77
C PHE B 39 43.52 2.35 -5.19
N ILE B 40 44.75 2.09 -5.64
CA ILE B 40 45.13 0.73 -6.01
C ILE B 40 45.22 -0.17 -4.78
N SER B 41 45.59 0.39 -3.62
CA SER B 41 45.92 -0.42 -2.46
C SER B 41 44.69 -1.05 -1.81
N LYS B 42 43.68 -0.25 -1.51
CA LYS B 42 42.53 -0.74 -0.75
C LYS B 42 41.47 -1.40 -1.62
N SER B 43 41.40 -1.05 -2.91
CA SER B 43 40.44 -1.71 -3.78
C SER B 43 40.81 -3.18 -3.98
N ALA B 44 42.09 -3.47 -4.22
CA ALA B 44 42.54 -4.86 -4.24
C ALA B 44 42.43 -5.51 -2.87
N LEU B 45 42.62 -4.72 -1.80
CA LEU B 45 42.43 -5.26 -0.46
C LEU B 45 40.98 -5.63 -0.22
N SER B 46 40.04 -4.85 -0.76
CA SER B 46 38.64 -5.19 -0.64
C SER B 46 38.31 -6.45 -1.42
N LEU B 47 39.02 -6.70 -2.53
CA LEU B 47 38.76 -7.86 -3.37
C LEU B 47 39.24 -9.16 -2.72
N GLN B 48 40.15 -9.09 -1.74
CA GLN B 48 40.71 -10.32 -1.18
C GLN B 48 39.62 -11.17 -0.52
N LYS B 49 38.69 -10.53 0.18
CA LYS B 49 37.52 -11.23 0.69
C LYS B 49 36.36 -11.24 -0.28
N ASP B 50 36.35 -10.32 -1.25
CA ASP B 50 35.32 -10.33 -2.28
C ASP B 50 35.44 -11.56 -3.18
N ARG B 51 36.64 -12.11 -3.32
CA ARG B 51 36.87 -13.24 -4.22
C ARG B 51 36.10 -14.48 -3.77
N SER B 55 30.09 -16.22 -8.58
CA SER B 55 31.28 -16.58 -7.80
C SER B 55 31.05 -17.88 -7.01
N CYS B 56 31.84 -18.90 -7.31
CA CYS B 56 32.77 -18.87 -8.43
C CYS B 56 32.17 -19.67 -9.59
N ASP B 57 31.02 -20.25 -9.32
CA ASP B 57 30.34 -21.10 -10.30
C ASP B 57 30.04 -20.29 -11.56
N ARG B 58 30.32 -20.90 -12.72
CA ARG B 58 29.92 -20.28 -13.97
C ARG B 58 28.42 -20.14 -13.98
N ILE B 59 27.91 -18.96 -14.36
CA ILE B 59 26.47 -18.76 -14.37
C ILE B 59 25.86 -19.69 -15.39
N ASN B 60 24.81 -20.39 -15.00
CA ASN B 60 24.12 -21.27 -15.93
C ASN B 60 23.21 -20.47 -16.84
N CYS B 61 23.00 -20.99 -18.05
CA CYS B 61 22.16 -20.28 -19.00
C CYS B 61 20.69 -20.37 -18.58
N LYS B 62 20.10 -19.23 -18.26
CA LYS B 62 18.66 -19.13 -18.10
C LYS B 62 17.96 -18.98 -19.43
N VAL B 63 18.74 -18.86 -20.52
CA VAL B 63 18.17 -18.69 -21.84
C VAL B 63 17.36 -19.93 -22.23
N LYS B 64 16.31 -19.71 -23.00
CA LYS B 64 15.44 -20.79 -23.44
C LYS B 64 16.22 -21.78 -24.31
N ASP B 65 15.84 -23.04 -24.23
CA ASP B 65 16.49 -24.07 -25.04
C ASP B 65 16.32 -23.79 -26.53
N GLU B 66 15.22 -23.13 -26.91
CA GLU B 66 14.99 -22.80 -28.31
C GLU B 66 16.01 -21.80 -28.85
N GLN B 67 16.47 -20.86 -28.01
CA GLN B 67 17.43 -19.87 -28.48
C GLN B 67 18.82 -20.46 -28.71
N LYS B 68 19.11 -21.59 -28.08
CA LYS B 68 20.38 -22.27 -28.30
C LYS B 68 20.37 -23.15 -29.54
N SER B 69 19.23 -23.21 -30.25
CA SER B 69 19.12 -24.06 -31.43
C SER B 69 19.99 -23.58 -32.59
N ARG B 70 20.22 -22.28 -32.72
CA ARG B 70 21.01 -21.78 -33.84
C ARG B 70 21.69 -20.48 -33.46
N ALA B 71 22.70 -20.13 -34.25
CA ALA B 71 23.65 -19.08 -33.89
C ALA B 71 23.01 -17.70 -33.90
N LEU B 72 23.57 -16.81 -33.09
CA LEU B 72 23.15 -15.41 -33.00
C LEU B 72 24.38 -14.52 -33.15
N THR B 73 24.19 -13.39 -33.82
CA THR B 73 25.25 -12.39 -33.99
C THR B 73 24.70 -11.02 -33.60
N ILE B 74 25.51 -10.26 -32.87
CA ILE B 74 25.13 -8.93 -32.39
C ILE B 74 26.18 -7.95 -32.90
N ILE B 75 25.77 -7.06 -33.79
CA ILE B 75 26.66 -6.06 -34.38
C ILE B 75 26.23 -4.69 -33.88
N VAL B 76 27.15 -3.98 -33.24
CA VAL B 76 26.90 -2.67 -32.66
C VAL B 76 27.69 -1.66 -33.48
N PHE B 77 27.01 -0.94 -34.37
CA PHE B 77 27.65 0.12 -35.14
C PHE B 77 27.95 1.31 -34.24
N GLY B 78 28.98 2.06 -34.61
CA GLY B 78 29.40 3.17 -33.78
C GLY B 78 30.02 2.74 -32.46
N ALA B 79 30.77 1.65 -32.46
CA ALA B 79 31.36 1.14 -31.23
C ALA B 79 32.30 2.16 -30.59
N SER B 80 32.93 3.01 -31.40
CA SER B 80 33.72 4.11 -30.87
C SER B 80 32.86 5.28 -30.42
N GLY B 81 31.57 5.27 -30.72
CA GLY B 81 30.71 6.36 -30.33
C GLY B 81 30.42 6.37 -28.84
N ASP B 82 29.94 7.52 -28.37
CA ASP B 82 29.73 7.71 -26.93
C ASP B 82 28.66 6.78 -26.37
N LEU B 83 27.63 6.42 -27.15
CA LEU B 83 26.58 5.58 -26.60
C LEU B 83 27.04 4.13 -26.46
N ALA B 84 27.69 3.59 -27.49
CA ALA B 84 28.11 2.20 -27.41
C ALA B 84 29.13 1.98 -26.30
N LYS B 85 29.94 3.00 -26.01
CA LYS B 85 30.94 2.86 -24.97
C LYS B 85 30.31 2.86 -23.58
N LYS B 86 29.44 3.82 -23.31
CA LYS B 86 28.90 4.03 -21.97
C LYS B 86 27.62 3.25 -21.69
N LYS B 87 27.00 2.64 -22.70
CA LYS B 87 25.66 2.10 -22.48
C LYS B 87 25.43 0.76 -23.17
N THR B 88 25.58 0.70 -24.50
CA THR B 88 25.21 -0.50 -25.23
C THR B 88 26.06 -1.70 -24.80
N PHE B 89 27.37 -1.60 -25.03
CA PHE B 89 28.27 -2.69 -24.64
C PHE B 89 28.22 -2.99 -23.15
N PRO B 90 28.30 -2.01 -22.24
CA PRO B 90 28.17 -2.37 -20.82
C PRO B 90 26.86 -3.05 -20.48
N ALA B 91 25.78 -2.70 -21.17
CA ALA B 91 24.53 -3.42 -20.99
C ALA B 91 24.64 -4.85 -21.52
N LEU B 92 25.38 -5.04 -22.61
CA LEU B 92 25.56 -6.38 -23.16
C LEU B 92 26.36 -7.28 -22.22
N PHE B 93 27.34 -6.71 -21.51
CA PHE B 93 28.07 -7.49 -20.53
C PHE B 93 27.19 -7.89 -19.35
N ASP B 94 26.23 -7.04 -19.00
CA ASP B 94 25.32 -7.37 -17.90
C ASP B 94 24.45 -8.58 -18.24
N LEU B 95 24.08 -8.73 -19.50
CA LEU B 95 23.27 -9.89 -19.90
C LEU B 95 24.08 -11.18 -19.85
N TYR B 96 25.39 -11.13 -20.11
CA TYR B 96 26.20 -12.33 -20.05
C TYR B 96 26.30 -12.87 -18.62
N CYS B 97 26.34 -11.96 -17.63
CA CYS B 97 26.39 -12.40 -16.24
C CYS B 97 25.08 -13.07 -15.82
N GLY B 98 23.96 -12.69 -16.43
CA GLY B 98 22.71 -13.33 -16.13
C GLY B 98 22.45 -14.63 -16.86
N GLY B 99 23.32 -14.98 -17.82
CA GLY B 99 23.16 -16.19 -18.58
C GLY B 99 22.18 -16.11 -19.72
N LEU B 100 21.59 -14.93 -19.96
CA LEU B 100 20.59 -14.78 -21.02
C LEU B 100 21.18 -14.92 -22.42
N LEU B 101 22.48 -14.65 -22.58
CA LEU B 101 23.13 -14.84 -23.87
C LEU B 101 23.45 -16.31 -24.11
N PRO B 102 23.33 -16.79 -25.34
CA PRO B 102 23.77 -18.14 -25.65
C PRO B 102 25.27 -18.27 -25.43
N PRO B 103 25.73 -19.46 -25.04
CA PRO B 103 27.16 -19.63 -24.74
C PRO B 103 28.08 -19.31 -25.90
N GLU B 104 27.65 -19.53 -27.14
CA GLU B 104 28.48 -19.33 -28.32
C GLU B 104 28.21 -18.00 -29.02
N VAL B 105 27.64 -17.02 -28.30
CA VAL B 105 27.28 -15.75 -28.92
C VAL B 105 28.54 -15.04 -29.42
N ASN B 106 28.40 -14.37 -30.58
CA ASN B 106 29.48 -13.60 -31.17
C ASN B 106 29.06 -12.14 -31.29
N ILE B 107 29.88 -11.24 -30.76
CA ILE B 107 29.65 -9.80 -30.82
C ILE B 107 30.75 -9.17 -31.66
N ILE B 108 30.38 -8.21 -32.51
CA ILE B 108 31.32 -7.50 -33.37
C ILE B 108 31.04 -6.01 -33.25
N GLY B 109 32.10 -5.22 -33.04
CA GLY B 109 32.00 -3.78 -32.97
C GLY B 109 32.41 -3.13 -34.28
N TYR B 110 31.49 -2.37 -34.86
CA TYR B 110 31.69 -1.75 -36.16
C TYR B 110 31.84 -0.25 -35.99
N ALA B 111 32.92 0.31 -36.53
CA ALA B 111 33.14 1.75 -36.47
C ALA B 111 34.16 2.14 -37.55
N ARG B 112 33.97 3.34 -38.09
CA ARG B 112 34.89 3.85 -39.11
C ARG B 112 36.27 4.16 -38.56
N THR B 113 36.39 4.44 -37.26
CA THR B 113 37.67 4.82 -36.68
C THR B 113 38.68 3.68 -36.76
N LYS B 114 39.91 4.02 -37.10
CA LYS B 114 40.99 3.04 -37.08
C LYS B 114 41.31 2.65 -35.63
N VAL B 115 41.64 1.37 -35.44
CA VAL B 115 41.98 0.84 -34.13
C VAL B 115 43.35 0.20 -34.23
N ASP B 116 44.28 0.65 -33.36
CA ASP B 116 45.65 0.15 -33.42
C ASP B 116 45.72 -1.32 -33.04
N ASP B 117 45.08 -1.69 -31.93
CA ASP B 117 45.07 -3.08 -31.47
C ASP B 117 43.80 -3.31 -30.67
N VAL B 118 43.02 -4.31 -31.08
CA VAL B 118 41.72 -4.54 -30.46
C VAL B 118 41.86 -4.99 -29.01
N GLU B 119 42.94 -5.72 -28.68
CA GLU B 119 43.05 -6.28 -27.34
C GLU B 119 43.29 -5.19 -26.30
N LYS B 120 44.09 -4.17 -26.63
CA LYS B 120 44.20 -3.01 -25.76
C LYS B 120 42.88 -2.24 -25.71
N TRP B 121 42.14 -2.22 -26.82
CA TRP B 121 40.96 -1.39 -26.92
C TRP B 121 39.84 -1.90 -26.03
N LYS B 122 39.55 -3.21 -26.10
CA LYS B 122 38.47 -3.76 -25.28
C LYS B 122 38.81 -3.73 -23.79
N HIS B 123 40.10 -3.84 -23.44
CA HIS B 123 40.50 -3.83 -22.04
C HIS B 123 40.40 -2.46 -21.39
N GLU B 124 40.40 -1.38 -22.17
CA GLU B 124 40.49 -0.05 -21.60
C GLU B 124 39.43 0.92 -22.10
N THR B 125 39.00 0.75 -23.35
CA THR B 125 37.99 1.66 -23.90
C THR B 125 36.57 1.23 -23.61
N LEU B 126 36.34 -0.08 -23.42
CA LEU B 126 35.00 -0.63 -23.25
C LEU B 126 34.73 -1.13 -21.84
N MET B 127 35.68 -1.88 -21.26
CA MET B 127 35.53 -2.36 -19.89
C MET B 127 35.59 -1.23 -18.88
N LYS B 128 36.13 -0.08 -19.27
CA LYS B 128 36.25 1.06 -18.36
C LYS B 128 34.89 1.57 -17.89
N TYR B 129 33.85 1.41 -18.71
CA TYR B 129 32.50 1.82 -18.35
C TYR B 129 31.66 0.68 -17.78
N PHE B 130 32.26 -0.49 -17.56
CA PHE B 130 31.51 -1.63 -17.05
C PHE B 130 31.00 -1.37 -15.64
N SER B 131 29.90 -2.02 -15.29
CA SER B 131 29.34 -1.93 -13.96
C SER B 131 30.37 -2.45 -12.95
N ASN B 132 30.30 -1.93 -11.72
CA ASN B 132 31.39 -2.11 -10.77
C ASN B 132 31.68 -3.59 -10.58
N LEU B 133 32.96 -3.94 -10.60
CA LEU B 133 33.40 -5.32 -10.79
C LEU B 133 34.25 -5.81 -9.62
N SER B 134 34.11 -5.17 -8.45
CA SER B 134 34.84 -5.64 -7.27
C SER B 134 34.38 -7.02 -6.84
N GLU B 135 33.10 -7.36 -7.08
CA GLU B 135 32.57 -8.67 -6.75
C GLU B 135 32.40 -9.57 -7.96
N ARG B 136 32.65 -9.05 -9.17
CA ARG B 136 32.24 -9.74 -10.38
C ARG B 136 33.25 -9.55 -11.52
N GLY B 137 34.47 -9.09 -11.22
CA GLY B 137 35.39 -8.71 -12.28
C GLY B 137 36.03 -9.88 -13.00
N CYS B 138 36.10 -11.04 -12.35
CA CYS B 138 36.74 -12.19 -12.99
C CYS B 138 35.96 -12.66 -14.21
N HIS B 139 34.64 -12.50 -14.19
CA HIS B 139 33.82 -12.95 -15.30
C HIS B 139 33.97 -12.07 -16.54
N ALA B 140 34.44 -10.83 -16.37
CA ALA B 140 34.60 -9.94 -17.52
C ALA B 140 35.64 -10.44 -18.50
N GLU B 141 36.66 -11.15 -18.02
CA GLU B 141 37.70 -11.65 -18.92
C GLU B 141 37.15 -12.70 -19.87
N ASP B 142 36.33 -13.62 -19.35
CA ASP B 142 35.71 -14.62 -20.23
C ASP B 142 34.74 -13.97 -21.21
N PHE B 143 34.11 -12.85 -20.81
CA PHE B 143 33.16 -12.18 -21.68
C PHE B 143 33.83 -11.54 -22.89
N LEU B 144 35.07 -11.06 -22.74
CA LEU B 144 35.69 -10.30 -23.81
C LEU B 144 36.12 -11.16 -24.99
N LYS B 145 36.22 -12.47 -24.81
CA LYS B 145 36.58 -13.34 -25.92
C LYS B 145 35.51 -13.33 -27.01
N HIS B 146 34.26 -13.07 -26.64
CA HIS B 146 33.18 -13.03 -27.61
C HIS B 146 33.22 -11.78 -28.49
N ILE B 147 33.90 -10.73 -28.04
CA ILE B 147 33.89 -9.45 -28.75
C ILE B 147 34.96 -9.44 -29.82
N SER B 148 34.59 -8.97 -31.01
CA SER B 148 35.51 -8.70 -32.11
C SER B 148 35.30 -7.25 -32.56
N TYR B 149 36.14 -6.81 -33.49
CA TYR B 149 36.03 -5.45 -34.01
C TYR B 149 36.20 -5.48 -35.53
N PHE B 150 35.51 -4.57 -36.19
CA PHE B 150 35.50 -4.50 -37.65
C PHE B 150 35.52 -3.04 -38.07
N CYS B 151 36.60 -2.64 -38.74
CA CYS B 151 36.73 -1.28 -39.25
C CYS B 151 36.18 -1.21 -40.67
N GLY B 152 35.37 -0.19 -40.94
CA GLY B 152 34.81 -0.03 -42.27
C GLY B 152 33.81 1.11 -42.31
N ALA B 153 33.46 1.49 -43.53
CA ALA B 153 32.50 2.56 -43.77
C ALA B 153 31.07 2.07 -43.59
N TYR B 154 30.18 2.99 -43.22
CA TYR B 154 28.76 2.69 -43.07
C TYR B 154 28.01 2.67 -44.41
N ASP B 155 28.58 3.26 -45.46
CA ASP B 155 27.94 3.30 -46.77
C ASP B 155 28.59 2.36 -47.77
N SER B 156 29.58 1.57 -47.36
CA SER B 156 30.33 0.71 -48.27
C SER B 156 29.62 -0.64 -48.37
N VAL B 157 28.99 -0.89 -49.52
CA VAL B 157 28.40 -2.19 -49.77
C VAL B 157 29.49 -3.26 -49.86
N ASP B 158 30.71 -2.86 -50.24
CA ASP B 158 31.81 -3.82 -50.29
C ASP B 158 32.18 -4.30 -48.89
N ASP B 159 32.33 -3.37 -47.94
CA ASP B 159 32.73 -3.75 -46.59
C ASP B 159 31.66 -4.61 -45.92
N PHE B 160 30.38 -4.34 -46.18
CA PHE B 160 29.34 -5.21 -45.66
C PHE B 160 29.38 -6.60 -46.30
N LYS B 161 29.81 -6.67 -47.57
CA LYS B 161 30.08 -7.97 -48.17
C LYS B 161 31.33 -8.61 -47.57
N ARG B 162 32.23 -7.79 -47.02
CA ARG B 162 33.37 -8.32 -46.29
C ARG B 162 32.99 -8.68 -44.86
N LEU B 163 32.14 -7.87 -44.22
CA LEU B 163 31.66 -8.19 -42.88
C LEU B 163 30.80 -9.44 -42.88
N ASP B 164 30.00 -9.64 -43.93
CA ASP B 164 29.15 -10.83 -43.99
C ASP B 164 29.96 -12.11 -44.11
N ALA B 165 31.12 -12.05 -44.77
CA ALA B 165 31.99 -13.21 -44.84
C ALA B 165 32.56 -13.58 -43.47
N VAL B 166 32.73 -12.60 -42.58
CA VAL B 166 33.21 -12.88 -41.24
C VAL B 166 32.11 -13.50 -40.39
N ILE B 167 30.90 -12.93 -40.46
CA ILE B 167 29.77 -13.49 -39.71
C ILE B 167 29.40 -14.88 -40.23
N ARG B 168 29.53 -15.11 -41.54
CA ARG B 168 29.14 -16.40 -42.10
C ARG B 168 30.02 -17.53 -41.61
N GLU B 169 31.28 -17.24 -41.27
CA GLU B 169 32.16 -18.28 -40.75
C GLU B 169 31.70 -18.76 -39.38
N LYS B 170 31.47 -17.82 -38.46
CA LYS B 170 30.98 -18.19 -37.13
C LYS B 170 29.55 -18.71 -37.19
N GLU B 171 28.74 -18.25 -38.14
CA GLU B 171 27.39 -18.78 -38.30
C GLU B 171 27.43 -20.25 -38.70
N ASN B 172 28.40 -20.63 -39.54
CA ASN B 172 28.54 -22.02 -39.97
C ASN B 172 29.37 -22.85 -39.01
N ALA B 173 30.10 -22.23 -38.09
CA ALA B 173 30.86 -22.93 -37.07
C ALA B 173 30.02 -23.29 -35.85
N PHE B 174 28.75 -22.87 -35.81
CA PHE B 174 27.92 -23.08 -34.64
C PHE B 174 27.68 -24.56 -34.40
N LYS B 175 27.62 -24.94 -33.12
CA LYS B 175 27.38 -26.31 -32.68
C LYS B 175 25.94 -26.40 -32.17
N GLY B 176 25.01 -26.58 -33.11
CA GLY B 176 23.61 -26.71 -32.78
C GLY B 176 22.84 -27.38 -33.90
N PRO B 177 21.71 -28.00 -33.57
CA PRO B 177 20.94 -28.73 -34.59
C PRO B 177 20.50 -27.89 -35.78
N GLU B 178 20.17 -26.62 -35.56
CA GLU B 178 19.80 -25.71 -36.64
C GLU B 178 21.03 -24.98 -37.16
N LYS B 179 20.97 -24.61 -38.44
CA LYS B 179 22.06 -23.90 -39.09
C LYS B 179 21.54 -22.60 -39.69
N GLY B 180 22.46 -21.77 -40.16
CA GLY B 180 22.14 -20.38 -40.42
C GLY B 180 22.38 -19.53 -39.18
N GLY B 181 21.86 -18.31 -39.22
CA GLY B 181 22.06 -17.42 -38.09
C GLY B 181 21.14 -16.22 -38.01
N ASN B 182 20.58 -15.98 -36.84
CA ASN B 182 19.87 -14.73 -36.56
C ASN B 182 20.87 -13.60 -36.35
N ARG B 183 20.45 -12.38 -36.68
CA ARG B 183 21.32 -11.23 -36.60
C ARG B 183 20.56 -10.05 -35.99
N LEU B 184 21.25 -9.31 -35.11
CA LEU B 184 20.68 -8.15 -34.45
C LEU B 184 21.65 -6.99 -34.59
N PHE B 185 21.22 -5.92 -35.24
CA PHE B 185 22.03 -4.73 -35.43
C PHE B 185 21.58 -3.63 -34.46
N TYR B 186 22.55 -2.97 -33.84
CA TYR B 186 22.29 -1.86 -32.92
C TYR B 186 22.92 -0.61 -33.51
N LEU B 187 22.09 0.32 -33.97
CA LEU B 187 22.56 1.56 -34.59
C LEU B 187 22.77 2.61 -33.49
N ALA B 188 23.93 2.51 -32.84
CA ALA B 188 24.36 3.54 -31.89
C ALA B 188 25.02 4.69 -32.66
N LEU B 189 24.21 5.32 -33.50
CA LEU B 189 24.65 6.24 -34.53
C LEU B 189 23.77 7.48 -34.53
N PRO B 190 24.28 8.60 -35.07
CA PRO B 190 23.41 9.73 -35.33
C PRO B 190 22.36 9.35 -36.36
N PRO B 191 21.16 9.92 -36.27
CA PRO B 191 20.06 9.49 -37.15
C PRO B 191 20.37 9.65 -38.63
N SER B 192 21.18 10.64 -39.01
CA SER B 192 21.49 10.86 -40.42
C SER B 192 22.18 9.64 -41.04
N VAL B 193 22.92 8.87 -40.23
CA VAL B 193 23.62 7.69 -40.74
C VAL B 193 22.72 6.47 -40.87
N PHE B 194 21.49 6.52 -40.32
CA PHE B 194 20.68 5.32 -40.25
C PHE B 194 20.32 4.77 -41.63
N ALA B 195 20.02 5.67 -42.58
CA ALA B 195 19.52 5.21 -43.87
C ALA B 195 20.60 4.48 -44.67
N SER B 196 21.83 5.00 -44.65
CA SER B 196 22.91 4.36 -45.39
C SER B 196 23.27 3.00 -44.82
N VAL B 197 23.11 2.81 -43.50
CA VAL B 197 23.49 1.54 -42.89
C VAL B 197 22.49 0.46 -43.26
N CYS B 198 21.19 0.77 -43.19
CA CYS B 198 20.18 -0.22 -43.54
C CYS B 198 20.25 -0.60 -45.01
N GLU B 199 20.66 0.34 -45.88
CA GLU B 199 20.88 -0.02 -47.28
C GLU B 199 22.04 -0.99 -47.41
N SER B 200 23.14 -0.74 -46.70
CA SER B 200 24.28 -1.64 -46.75
C SER B 200 23.95 -3.00 -46.13
N ILE B 201 23.06 -3.03 -45.14
CA ILE B 201 22.66 -4.30 -44.55
C ILE B 201 21.79 -5.07 -45.53
N HIS B 202 20.83 -4.40 -46.17
CA HIS B 202 19.94 -5.09 -47.09
C HIS B 202 20.68 -5.63 -48.32
N LYS B 203 21.72 -4.94 -48.77
CA LYS B 203 22.48 -5.37 -49.95
C LYS B 203 23.57 -6.39 -49.66
N GLY B 204 23.90 -6.62 -48.39
CA GLY B 204 25.04 -7.48 -48.10
C GLY B 204 25.02 -8.23 -46.79
N ALA B 205 24.24 -7.76 -45.82
CA ALA B 205 24.25 -8.33 -44.47
C ALA B 205 22.98 -9.10 -44.13
N MET B 206 22.13 -9.40 -45.11
CA MET B 206 20.90 -10.11 -44.83
C MET B 206 21.20 -11.55 -44.40
N PRO B 207 20.35 -12.14 -43.55
CA PRO B 207 20.65 -13.45 -42.98
C PRO B 207 20.70 -14.56 -44.02
N GLN B 208 21.47 -15.60 -43.69
CA GLN B 208 21.70 -16.70 -44.61
C GLN B 208 20.40 -17.29 -45.11
N GLU B 209 20.38 -17.69 -46.39
CA GLU B 209 19.15 -18.15 -47.02
C GLU B 209 18.59 -19.40 -46.36
N VAL B 210 19.46 -20.21 -45.75
CA VAL B 210 18.99 -21.43 -45.10
C VAL B 210 18.08 -21.10 -43.92
N GLY B 211 18.28 -19.97 -43.27
CA GLY B 211 17.41 -19.56 -42.18
C GLY B 211 18.04 -18.47 -41.36
N GLY B 212 17.22 -17.92 -40.46
CA GLY B 212 17.61 -16.87 -39.54
C GLY B 212 16.91 -15.55 -39.83
N TRP B 213 16.54 -14.84 -38.78
CA TRP B 213 15.91 -13.53 -38.87
C TRP B 213 16.93 -12.41 -38.68
N VAL B 214 16.49 -11.19 -38.97
CA VAL B 214 17.30 -9.99 -38.78
C VAL B 214 16.44 -8.95 -38.06
N ARG B 215 17.06 -8.20 -37.15
CA ARG B 215 16.39 -7.14 -36.41
C ARG B 215 17.37 -6.01 -36.19
N VAL B 216 16.87 -4.77 -36.27
CA VAL B 216 17.70 -3.58 -36.22
C VAL B 216 17.18 -2.65 -35.14
N ILE B 217 18.02 -2.34 -34.16
CA ILE B 217 17.69 -1.37 -33.12
C ILE B 217 18.18 0.01 -33.57
N ILE B 218 17.34 1.02 -33.37
CA ILE B 218 17.69 2.40 -33.72
C ILE B 218 17.44 3.30 -32.51
N GLU B 219 18.17 4.41 -32.47
CA GLU B 219 18.25 5.23 -31.27
C GLU B 219 17.16 6.31 -31.24
N LYS B 220 17.12 7.03 -30.12
CA LYS B 220 15.99 7.91 -29.79
C LYS B 220 15.67 8.96 -30.84
N PRO B 221 16.63 9.76 -31.36
CA PRO B 221 16.25 10.89 -32.23
C PRO B 221 15.57 10.48 -33.52
N PHE B 222 14.28 10.76 -33.63
CA PHE B 222 13.51 10.56 -34.85
C PHE B 222 13.04 11.93 -35.35
N GLY B 223 13.97 12.71 -35.89
CA GLY B 223 13.58 14.01 -36.41
C GLY B 223 13.28 15.00 -35.29
N ARG B 224 12.61 16.08 -35.68
CA ARG B 224 12.24 17.12 -34.73
C ARG B 224 10.81 17.61 -34.89
N ASP B 225 10.05 17.11 -35.85
CA ASP B 225 8.65 17.47 -36.02
C ASP B 225 7.95 16.33 -36.75
N THR B 226 6.65 16.50 -36.98
CA THR B 226 5.86 15.42 -37.56
C THR B 226 6.34 15.05 -38.96
N LYS B 227 6.80 16.03 -39.74
CA LYS B 227 7.24 15.74 -41.10
C LYS B 227 8.65 15.15 -41.13
N SER B 228 9.56 15.69 -40.32
CA SER B 228 10.94 15.20 -40.33
C SER B 228 11.03 13.76 -39.85
N SER B 229 10.17 13.35 -38.91
CA SER B 229 10.17 11.97 -38.46
C SER B 229 9.52 11.04 -39.48
N ALA B 230 8.51 11.52 -40.20
CA ALA B 230 7.79 10.66 -41.12
C ALA B 230 8.65 10.26 -42.32
N GLU B 231 9.39 11.21 -42.87
CA GLU B 231 10.26 10.88 -44.01
C GLU B 231 11.42 9.99 -43.58
N LEU B 232 11.88 10.11 -42.33
CA LEU B 232 12.98 9.25 -41.88
C LEU B 232 12.54 7.81 -41.79
N SER B 233 11.34 7.55 -41.27
CA SER B 233 10.81 6.19 -41.30
C SER B 233 10.52 5.74 -42.72
N GLN B 234 10.14 6.67 -43.60
CA GLN B 234 9.94 6.32 -45.00
C GLN B 234 11.24 5.90 -45.67
N ALA B 235 12.36 6.48 -45.25
CA ALA B 235 13.66 6.07 -45.79
C ALA B 235 14.02 4.65 -45.38
N LEU B 236 13.61 4.22 -44.19
CA LEU B 236 13.92 2.89 -43.68
C LEU B 236 12.93 1.83 -44.14
N GLU B 237 11.79 2.22 -44.71
CA GLU B 237 10.80 1.25 -45.16
C GLU B 237 11.33 0.25 -46.17
N PRO B 238 12.06 0.64 -47.23
CA PRO B 238 12.49 -0.35 -48.23
C PRO B 238 13.35 -1.47 -47.65
N PHE B 239 14.16 -1.19 -46.65
CA PHE B 239 15.11 -2.19 -46.15
C PHE B 239 14.57 -3.04 -45.01
N PHE B 240 13.64 -2.52 -44.20
CA PHE B 240 13.17 -3.27 -43.04
C PHE B 240 11.72 -2.91 -42.75
N ASP B 241 10.95 -3.91 -42.32
CA ASP B 241 9.56 -3.77 -41.93
C ASP B 241 9.44 -3.47 -40.44
N GLU B 242 8.21 -3.18 -40.01
CA GLU B 242 7.98 -2.79 -38.62
C GLU B 242 8.37 -3.88 -37.63
N SER B 243 8.20 -5.15 -38.00
CA SER B 243 8.56 -6.23 -37.09
C SER B 243 10.07 -6.29 -36.85
N GLN B 244 10.87 -5.83 -37.81
CA GLN B 244 12.33 -5.86 -37.68
C GLN B 244 12.89 -4.62 -37.02
N LEU B 245 12.20 -3.49 -37.11
CA LEU B 245 12.67 -2.26 -36.50
C LEU B 245 12.26 -2.19 -35.03
N TYR B 246 13.21 -1.80 -34.18
CA TYR B 246 13.00 -1.73 -32.73
C TYR B 246 13.44 -0.35 -32.26
N ARG B 247 12.50 0.60 -32.27
CA ARG B 247 12.77 1.97 -31.88
C ARG B 247 12.70 2.07 -30.36
N ILE B 248 13.85 1.89 -29.71
CA ILE B 248 13.88 1.87 -28.26
C ILE B 248 13.56 3.25 -27.69
N ASP B 249 12.82 3.28 -26.59
CA ASP B 249 12.68 4.45 -25.75
C ASP B 249 13.33 4.14 -24.41
N HIS B 250 13.94 5.17 -23.82
CA HIS B 250 14.79 4.94 -22.64
C HIS B 250 13.96 4.44 -21.47
N TYR B 251 12.70 4.84 -21.40
CA TYR B 251 11.86 4.60 -20.23
C TYR B 251 10.94 3.40 -20.37
N LEU B 252 10.62 2.97 -21.60
CA LEU B 252 9.69 1.86 -21.76
C LEU B 252 10.19 0.56 -21.14
N GLY B 253 11.50 0.41 -21.00
CA GLY B 253 12.04 -0.74 -20.30
C GLY B 253 12.14 -0.62 -18.80
N LYS B 254 11.82 0.56 -18.24
CA LYS B 254 11.93 0.75 -16.80
C LYS B 254 10.95 -0.13 -16.05
N GLU B 255 11.37 -0.58 -14.86
CA GLU B 255 10.57 -1.54 -14.10
C GLU B 255 9.23 -0.94 -13.68
N MET B 256 9.25 0.27 -13.11
CA MET B 256 8.04 0.83 -12.53
C MET B 256 7.01 1.22 -13.58
N VAL B 257 7.45 1.54 -14.80
CA VAL B 257 6.51 1.94 -15.83
C VAL B 257 5.99 0.74 -16.62
N GLN B 258 6.76 -0.35 -16.69
CA GLN B 258 6.20 -1.60 -17.20
C GLN B 258 5.12 -2.12 -16.27
N ASN B 259 5.18 -1.73 -15.00
CA ASN B 259 4.15 -2.08 -14.03
C ASN B 259 2.85 -1.31 -14.26
N ILE B 260 2.89 -0.22 -15.03
CA ILE B 260 1.70 0.62 -15.20
C ILE B 260 0.59 -0.17 -15.86
N ILE B 261 0.93 -1.02 -16.84
CA ILE B 261 -0.10 -1.85 -17.47
C ILE B 261 -0.64 -2.89 -16.50
N THR B 262 0.17 -3.33 -15.54
CA THR B 262 -0.27 -4.34 -14.59
C THR B 262 -0.98 -3.73 -13.39
N THR B 263 -0.47 -2.61 -12.87
CA THR B 263 -1.12 -1.95 -11.74
C THR B 263 -2.53 -1.48 -12.10
N ARG B 264 -2.75 -1.12 -13.36
CA ARG B 264 -4.05 -0.61 -13.78
C ARG B 264 -5.06 -1.75 -13.96
N PHE B 265 -4.78 -2.66 -14.90
CA PHE B 265 -5.80 -3.59 -15.37
C PHE B 265 -5.87 -4.88 -14.57
N ALA B 266 -4.76 -5.32 -13.97
CA ALA B 266 -4.79 -6.58 -13.20
C ALA B 266 -5.56 -6.44 -11.90
N ASN B 267 -5.81 -5.21 -11.43
CA ASN B 267 -6.46 -4.98 -10.15
C ASN B 267 -7.78 -4.27 -10.38
N ARG B 268 -8.86 -4.87 -9.86
CA ARG B 268 -10.20 -4.28 -10.02
C ARG B 268 -10.34 -2.97 -9.25
N ILE B 269 -9.61 -2.81 -8.14
CA ILE B 269 -9.76 -1.60 -7.34
C ILE B 269 -9.29 -0.38 -8.10
N PHE B 270 -8.17 -0.49 -8.81
CA PHE B 270 -7.68 0.64 -9.59
C PHE B 270 -8.53 0.87 -10.84
N SER B 271 -8.97 -0.21 -11.48
CA SER B 271 -9.72 -0.06 -12.72
C SER B 271 -11.08 0.59 -12.49
N ALA B 272 -11.69 0.38 -11.33
CA ALA B 272 -12.99 0.99 -11.06
C ALA B 272 -12.89 2.50 -10.95
N VAL B 273 -11.74 3.03 -10.51
CA VAL B 273 -11.59 4.46 -10.29
C VAL B 273 -10.78 5.14 -11.39
N TRP B 274 -10.34 4.40 -12.40
CA TRP B 274 -9.50 4.96 -13.48
C TRP B 274 -10.40 5.58 -14.54
N ASN B 275 -11.06 6.67 -14.16
CA ASN B 275 -12.00 7.35 -15.04
C ASN B 275 -12.18 8.79 -14.56
N ALA B 276 -12.85 9.58 -15.39
CA ALA B 276 -13.07 11.00 -15.09
C ALA B 276 -13.94 11.22 -13.86
N SER B 277 -14.79 10.24 -13.51
CA SER B 277 -15.67 10.40 -12.36
C SER B 277 -14.89 10.53 -11.06
N ASN B 278 -13.71 9.95 -10.99
CA ASN B 278 -12.92 9.93 -9.77
C ASN B 278 -11.60 10.70 -9.84
N ILE B 279 -10.94 10.74 -11.00
CA ILE B 279 -9.65 11.39 -11.13
C ILE B 279 -9.86 12.88 -11.40
N ALA B 280 -9.23 13.72 -10.60
CA ALA B 280 -9.35 15.17 -10.72
C ALA B 280 -8.19 15.81 -11.49
N CYS B 281 -6.99 15.24 -11.40
CA CYS B 281 -5.81 15.84 -12.00
C CYS B 281 -4.73 14.78 -12.14
N VAL B 282 -3.93 14.91 -13.19
CA VAL B 282 -2.82 14.00 -13.45
C VAL B 282 -1.61 14.85 -13.84
N GLN B 283 -0.45 14.55 -13.27
CA GLN B 283 0.77 15.24 -13.64
C GLN B 283 1.91 14.24 -13.76
N ILE B 284 2.80 14.49 -14.71
CA ILE B 284 3.96 13.64 -14.98
C ILE B 284 5.16 14.57 -15.09
N THR B 285 5.97 14.63 -14.04
CA THR B 285 7.11 15.54 -13.98
C THR B 285 8.40 14.81 -14.32
N PHE B 286 9.32 15.54 -14.96
CA PHE B 286 10.70 15.10 -15.18
C PHE B 286 11.60 16.22 -14.69
N LYS B 287 11.96 16.18 -13.41
CA LYS B 287 12.82 17.19 -12.82
C LYS B 287 14.25 16.69 -12.75
N GLU B 288 15.20 17.59 -12.97
CA GLU B 288 16.61 17.24 -13.04
C GLU B 288 17.44 18.42 -12.55
N THR B 289 18.31 18.16 -11.58
CA THR B 289 19.12 19.24 -11.00
C THR B 289 20.34 19.61 -11.83
N ILE B 290 20.74 18.78 -12.79
CA ILE B 290 21.91 19.10 -13.62
C ILE B 290 21.53 20.17 -14.63
N GLY B 291 22.53 20.94 -15.04
CA GLY B 291 22.41 21.85 -16.16
C GLY B 291 22.77 21.16 -17.45
N THR B 292 23.20 21.95 -18.42
CA THR B 292 23.62 21.37 -19.69
C THR B 292 25.03 20.79 -19.62
N GLU B 293 25.75 21.02 -18.52
CA GLU B 293 27.07 20.42 -18.27
C GLU B 293 28.09 20.85 -19.33
N GLY B 294 27.98 22.09 -19.79
CA GLY B 294 28.93 22.63 -20.74
C GLY B 294 28.66 22.27 -22.19
N ARG B 295 27.60 21.54 -22.47
CA ARG B 295 27.27 21.15 -23.83
C ARG B 295 26.02 21.88 -24.30
N GLY B 296 26.00 23.20 -24.14
CA GLY B 296 24.79 23.96 -24.45
C GLY B 296 24.42 23.93 -25.92
N GLY B 297 25.41 23.83 -26.81
CA GLY B 297 25.11 23.75 -28.22
C GLY B 297 24.46 22.44 -28.63
N TYR B 298 24.83 21.34 -27.95
CA TYR B 298 24.17 20.07 -28.20
C TYR B 298 22.71 20.10 -27.78
N PHE B 299 22.38 20.88 -26.75
CA PHE B 299 21.00 21.03 -26.29
C PHE B 299 20.29 22.21 -26.94
N ASP B 300 21.04 23.21 -27.44
CA ASP B 300 20.41 24.38 -28.01
C ASP B 300 19.57 24.05 -29.23
N ASN B 301 19.98 23.03 -29.99
CA ASN B 301 19.20 22.60 -31.15
C ASN B 301 18.04 21.69 -30.76
N ILE B 302 17.97 21.26 -29.51
CA ILE B 302 16.93 20.35 -29.06
C ILE B 302 15.85 21.12 -28.32
N GLY B 303 16.11 21.41 -27.05
CA GLY B 303 15.09 21.95 -26.16
C GLY B 303 14.45 20.84 -25.34
N ILE B 304 13.95 21.21 -24.16
CA ILE B 304 13.47 20.21 -23.21
C ILE B 304 12.18 19.54 -23.70
N ILE B 305 11.42 20.18 -24.59
CA ILE B 305 10.15 19.62 -25.03
C ILE B 305 10.37 18.36 -25.87
N ARG B 306 11.28 18.43 -26.84
CA ARG B 306 11.58 17.27 -27.66
C ARG B 306 12.61 16.34 -27.03
N ASP B 307 13.25 16.76 -25.94
CA ASP B 307 14.26 15.91 -25.31
C ASP B 307 13.63 14.82 -24.46
N VAL B 308 12.59 15.14 -23.69
CA VAL B 308 12.07 14.21 -22.69
C VAL B 308 10.55 14.28 -22.57
N MET B 309 9.91 15.10 -23.39
CA MET B 309 8.45 15.29 -23.27
C MET B 309 7.67 14.68 -24.42
N GLN B 310 8.06 14.95 -25.67
CA GLN B 310 7.36 14.34 -26.80
C GLN B 310 7.56 12.84 -26.82
N ASN B 311 8.67 12.35 -26.27
CA ASN B 311 9.03 10.94 -26.32
C ASN B 311 8.80 10.22 -24.99
N HIS B 312 9.37 10.73 -23.90
CA HIS B 312 9.36 9.99 -22.64
C HIS B 312 8.04 10.15 -21.91
N LEU B 313 7.70 11.38 -21.53
CA LEU B 313 6.46 11.60 -20.79
C LEU B 313 5.24 11.20 -21.59
N THR B 314 5.30 11.33 -22.92
CA THR B 314 4.17 10.91 -23.75
C THR B 314 3.98 9.40 -23.70
N GLN B 315 5.08 8.64 -23.68
CA GLN B 315 4.95 7.19 -23.53
C GLN B 315 4.37 6.82 -22.17
N ILE B 316 4.68 7.61 -21.14
CA ILE B 316 4.07 7.38 -19.83
C ILE B 316 2.59 7.71 -19.86
N LEU B 317 2.23 8.83 -20.50
CA LEU B 317 0.83 9.20 -20.61
C LEU B 317 0.04 8.19 -21.43
N ALA B 318 0.68 7.58 -22.44
CA ALA B 318 -0.02 6.59 -23.25
C ALA B 318 -0.33 5.35 -22.41
N LEU B 319 0.63 4.88 -21.62
CA LEU B 319 0.37 3.72 -20.77
C LEU B 319 -0.66 4.02 -19.68
N LEU B 320 -0.74 5.28 -19.24
CA LEU B 320 -1.67 5.63 -18.17
C LEU B 320 -3.10 5.76 -18.69
N ALA B 321 -3.27 6.28 -19.90
CA ALA B 321 -4.60 6.59 -20.42
C ALA B 321 -5.11 5.58 -21.45
N MET B 322 -4.33 4.56 -21.76
CA MET B 322 -4.75 3.60 -22.77
C MET B 322 -5.94 2.76 -22.29
N GLU B 323 -6.80 2.42 -23.23
CA GLU B 323 -7.87 1.46 -22.98
C GLU B 323 -7.30 0.04 -22.90
N LYS B 324 -8.07 -0.86 -22.27
CA LYS B 324 -7.58 -2.20 -21.99
C LYS B 324 -7.23 -2.92 -23.29
N PRO B 325 -6.04 -3.50 -23.39
CA PRO B 325 -5.70 -4.30 -24.58
C PRO B 325 -6.57 -5.55 -24.66
N ARG B 326 -6.86 -5.97 -25.90
CA ARG B 326 -7.63 -7.20 -26.11
C ARG B 326 -6.89 -8.41 -25.55
N SER B 327 -5.57 -8.38 -25.56
CA SER B 327 -4.75 -9.45 -25.00
C SER B 327 -3.40 -8.85 -24.62
N LEU B 328 -2.51 -9.70 -24.11
CA LEU B 328 -1.17 -9.26 -23.74
C LEU B 328 -0.19 -9.32 -24.91
N ASP B 329 -0.67 -9.63 -26.12
CA ASP B 329 0.19 -9.55 -27.30
C ASP B 329 0.69 -8.12 -27.48
N ALA B 330 1.91 -8.01 -28.01
CA ALA B 330 2.60 -6.72 -28.02
C ALA B 330 1.87 -5.68 -28.85
N GLU B 331 1.20 -6.09 -29.93
CA GLU B 331 0.66 -5.10 -30.86
C GLU B 331 -0.68 -4.55 -30.40
N CYS B 332 -1.54 -5.39 -29.83
CA CYS B 332 -2.80 -4.88 -29.28
C CYS B 332 -2.55 -3.98 -28.07
N ILE B 333 -1.44 -4.18 -27.37
CA ILE B 333 -1.02 -3.22 -26.35
C ILE B 333 -0.63 -1.90 -27.00
N ARG B 334 0.21 -1.97 -28.04
CA ARG B 334 0.61 -0.77 -28.76
C ARG B 334 -0.55 -0.16 -29.55
N ASP B 335 -1.52 -0.98 -29.97
CA ASP B 335 -2.67 -0.44 -30.68
C ASP B 335 -3.45 0.52 -29.80
N GLU B 336 -3.67 0.15 -28.54
CA GLU B 336 -4.33 1.06 -27.62
C GLU B 336 -3.46 2.27 -27.29
N LYS B 337 -2.14 2.11 -27.33
CA LYS B 337 -1.25 3.24 -27.08
C LYS B 337 -1.40 4.31 -28.15
N VAL B 338 -1.71 3.90 -29.38
CA VAL B 338 -1.90 4.86 -30.47
C VAL B 338 -3.30 5.46 -30.42
N SER B 339 -4.30 4.63 -30.11
CA SER B 339 -5.69 5.10 -30.15
C SER B 339 -5.95 6.18 -29.11
N VAL B 340 -5.27 6.11 -27.96
CA VAL B 340 -5.49 7.11 -26.93
C VAL B 340 -4.80 8.42 -27.29
N LEU B 341 -3.63 8.35 -27.93
CA LEU B 341 -2.91 9.56 -28.32
C LEU B 341 -3.62 10.34 -29.41
N LYS B 342 -4.49 9.69 -30.18
CA LYS B 342 -5.23 10.37 -31.23
C LYS B 342 -6.36 11.23 -30.70
N CYS B 343 -6.75 11.06 -29.43
CA CYS B 343 -7.79 11.90 -28.84
C CYS B 343 -7.28 13.28 -28.43
N ILE B 344 -5.97 13.47 -28.37
CA ILE B 344 -5.40 14.72 -27.89
C ILE B 344 -5.31 15.71 -29.04
N GLU B 345 -5.93 16.87 -28.88
CA GLU B 345 -5.73 17.95 -29.84
C GLU B 345 -4.33 18.54 -29.64
N PRO B 346 -3.72 19.06 -30.70
CA PRO B 346 -2.34 19.55 -30.59
C PRO B 346 -2.24 20.69 -29.58
N ILE B 347 -1.12 20.72 -28.86
CA ILE B 347 -0.91 21.72 -27.83
C ILE B 347 -0.84 23.11 -28.45
N THR B 348 -1.46 24.07 -27.81
CA THR B 348 -1.43 25.46 -28.23
C THR B 348 -0.66 26.30 -27.20
N LYS B 349 -0.20 27.47 -27.65
CA LYS B 349 0.74 28.24 -26.84
C LYS B 349 0.11 28.73 -25.55
N GLU B 350 -1.22 28.85 -25.51
CA GLU B 350 -1.90 29.25 -24.27
C GLU B 350 -1.74 28.19 -23.18
N ASN B 351 -1.55 26.92 -23.57
CA ASN B 351 -1.42 25.82 -22.63
C ASN B 351 0.02 25.51 -22.27
N CYS B 352 0.96 26.39 -22.59
CA CYS B 352 2.38 26.11 -22.41
C CYS B 352 3.05 27.23 -21.63
N VAL B 353 4.09 26.84 -20.88
CA VAL B 353 4.91 27.77 -20.11
C VAL B 353 6.36 27.30 -20.21
N LEU B 354 7.23 28.14 -20.75
CA LEU B 354 8.63 27.80 -20.96
C LEU B 354 9.53 28.48 -19.94
N GLY B 355 10.71 27.92 -19.75
CA GLY B 355 11.70 28.49 -18.86
C GLY B 355 13.11 28.24 -19.36
N GLN B 356 14.03 29.08 -18.91
CA GLN B 356 15.43 28.99 -19.29
C GLN B 356 16.27 29.31 -18.06
N TYR B 357 16.99 28.33 -17.54
CA TYR B 357 17.72 28.52 -16.29
C TYR B 357 18.88 29.49 -16.48
N THR B 358 19.07 30.35 -15.48
CA THR B 358 20.12 31.36 -15.45
C THR B 358 21.16 30.96 -14.40
N ALA B 359 22.11 31.87 -14.14
CA ALA B 359 23.12 31.59 -13.12
C ALA B 359 22.46 31.45 -11.77
N SER B 360 22.84 30.40 -11.04
CA SER B 360 22.22 30.10 -9.76
C SER B 360 22.78 30.99 -8.66
N ALA B 361 21.98 31.18 -7.61
CA ALA B 361 22.42 32.00 -6.48
C ALA B 361 23.63 31.40 -5.78
N ASP B 362 23.80 30.08 -5.84
CA ASP B 362 24.98 29.46 -5.25
C ASP B 362 26.26 29.90 -5.94
N GLY B 363 26.18 30.22 -7.24
CA GLY B 363 27.34 30.52 -8.03
C GLY B 363 28.05 29.30 -8.58
N SER B 364 27.55 28.09 -8.26
CA SER B 364 28.21 26.87 -8.69
C SER B 364 27.86 26.51 -10.13
N ILE B 365 26.59 26.66 -10.51
CA ILE B 365 26.11 26.30 -11.83
C ILE B 365 26.11 27.54 -12.70
N PRO B 366 26.90 27.59 -13.76
CA PRO B 366 26.79 28.70 -14.72
C PRO B 366 25.42 28.69 -15.37
N GLY B 367 24.93 29.89 -15.68
CA GLY B 367 23.66 30.00 -16.37
C GLY B 367 23.71 29.42 -17.76
N TYR B 368 22.53 29.06 -18.28
CA TYR B 368 22.49 28.43 -19.60
C TYR B 368 23.04 29.35 -20.68
N LEU B 369 22.85 30.67 -20.53
CA LEU B 369 23.45 31.61 -21.46
C LEU B 369 24.91 31.89 -21.16
N GLU B 370 25.38 31.57 -19.94
CA GLU B 370 26.78 31.78 -19.61
C GLU B 370 27.70 30.81 -20.33
N ASP B 371 27.20 29.66 -20.76
CA ASP B 371 28.01 28.71 -21.51
C ASP B 371 28.35 29.27 -22.89
N VAL B 372 29.62 29.09 -23.29
CA VAL B 372 30.08 29.67 -24.55
C VAL B 372 29.47 28.95 -25.75
N THR B 373 29.21 27.65 -25.64
CA THR B 373 28.69 26.90 -26.78
C THR B 373 27.27 27.34 -27.17
N VAL B 374 26.51 27.88 -26.23
CA VAL B 374 25.14 28.33 -26.54
C VAL B 374 25.20 29.57 -27.42
N PRO B 375 24.49 29.61 -28.54
CA PRO B 375 24.45 30.83 -29.34
C PRO B 375 23.80 31.98 -28.56
N GLU B 376 24.30 33.19 -28.83
CA GLU B 376 23.76 34.37 -28.18
C GLU B 376 22.30 34.59 -28.57
N GLY B 377 21.49 35.01 -27.60
CA GLY B 377 20.09 35.28 -27.85
C GLY B 377 19.20 34.06 -27.91
N SER B 378 19.68 32.90 -27.48
CA SER B 378 18.90 31.68 -27.59
C SER B 378 17.63 31.75 -26.76
N THR B 379 16.53 31.24 -27.32
CA THR B 379 15.26 31.14 -26.63
C THR B 379 14.80 29.71 -26.43
N CYS B 380 15.67 28.73 -26.64
CA CYS B 380 15.27 27.33 -26.47
C CYS B 380 14.96 27.06 -25.00
N PRO B 381 13.95 26.25 -24.70
CA PRO B 381 13.50 26.09 -23.32
C PRO B 381 14.29 25.00 -22.59
N THR B 382 14.83 25.35 -21.42
CA THR B 382 15.35 24.38 -20.47
C THR B 382 14.28 23.88 -19.51
N PHE B 383 13.06 24.42 -19.58
CA PHE B 383 11.97 24.06 -18.69
C PHE B 383 10.67 24.21 -19.45
N ALA B 384 9.73 23.29 -19.20
CA ALA B 384 8.46 23.32 -19.94
C ALA B 384 7.40 22.55 -19.16
N VAL B 385 6.36 23.23 -18.72
CA VAL B 385 5.15 22.62 -18.19
C VAL B 385 4.01 22.92 -19.14
N MET B 386 3.14 21.95 -19.35
CA MET B 386 2.08 22.08 -20.34
C MET B 386 0.93 21.16 -19.99
N ARG B 387 -0.25 21.49 -20.52
CA ARG B 387 -1.45 20.69 -20.32
C ARG B 387 -1.87 20.04 -21.63
N LEU B 388 -2.14 18.74 -21.58
CA LEU B 388 -2.76 18.01 -22.68
C LEU B 388 -4.23 17.79 -22.39
N ASN B 389 -5.02 17.62 -23.45
CA ASN B 389 -6.47 17.45 -23.33
C ASN B 389 -6.89 16.22 -24.12
N ILE B 390 -7.27 15.16 -23.43
CA ILE B 390 -7.76 13.94 -24.06
C ILE B 390 -9.27 14.05 -24.24
N ASN B 391 -9.73 13.85 -25.47
CA ASN B 391 -11.14 13.99 -25.82
C ASN B 391 -11.73 12.60 -26.06
N ASN B 392 -12.15 11.96 -24.96
CA ASN B 392 -12.82 10.68 -25.03
C ASN B 392 -13.68 10.52 -23.79
N ASP B 393 -14.54 9.50 -23.80
CA ASP B 393 -15.51 9.32 -22.73
C ASP B 393 -14.83 9.08 -21.39
N ARG B 394 -13.63 8.47 -21.40
CA ARG B 394 -12.96 8.15 -20.15
C ARG B 394 -12.27 9.36 -19.54
N TRP B 395 -11.69 10.23 -20.36
CA TRP B 395 -10.80 11.27 -19.86
C TRP B 395 -11.29 12.69 -20.13
N ALA B 396 -12.54 12.88 -20.52
CA ALA B 396 -13.02 14.22 -20.81
C ALA B 396 -12.96 15.09 -19.57
N GLY B 397 -12.43 16.30 -19.72
CA GLY B 397 -12.37 17.27 -18.64
C GLY B 397 -11.23 17.09 -17.66
N VAL B 398 -10.41 16.06 -17.82
CA VAL B 398 -9.37 15.73 -16.85
C VAL B 398 -8.06 16.38 -17.30
N PRO B 399 -7.49 17.30 -16.54
CA PRO B 399 -6.20 17.87 -16.90
C PRO B 399 -5.10 16.81 -16.91
N PHE B 400 -4.16 16.98 -17.84
CA PHE B 400 -2.97 16.13 -17.92
C PHE B 400 -1.77 17.07 -18.01
N ILE B 401 -1.09 17.28 -16.89
CA ILE B 401 -0.03 18.27 -16.78
C ILE B 401 1.31 17.58 -16.97
N LEU B 402 1.96 17.83 -18.11
CA LEU B 402 3.31 17.35 -18.33
C LEU B 402 4.31 18.45 -17.95
N LYS B 403 5.38 18.06 -17.27
CA LYS B 403 6.37 19.01 -16.79
C LYS B 403 7.76 18.39 -16.90
N ALA B 404 8.72 19.20 -17.36
CA ALA B 404 10.09 18.76 -17.47
C ALA B 404 11.00 19.98 -17.41
N GLY B 405 12.21 19.78 -16.90
CA GLY B 405 13.16 20.86 -16.81
C GLY B 405 14.51 20.44 -16.25
N LYS B 406 15.57 21.08 -16.75
CA LYS B 406 16.92 20.89 -16.23
C LYS B 406 17.28 22.01 -15.27
N ALA B 407 18.26 21.74 -14.41
CA ALA B 407 18.71 22.68 -13.38
C ALA B 407 17.57 23.09 -12.46
N VAL B 408 16.87 22.08 -11.93
CA VAL B 408 15.74 22.31 -11.04
C VAL B 408 16.14 21.88 -9.63
N GLU B 409 15.22 22.04 -8.66
CA GLU B 409 15.59 21.91 -7.25
C GLU B 409 15.99 20.48 -6.87
N GLN B 410 15.48 19.47 -7.58
CA GLN B 410 15.77 18.10 -7.17
C GLN B 410 15.59 17.16 -8.36
N LYS B 411 16.34 16.05 -8.32
CA LYS B 411 16.21 14.99 -9.31
C LYS B 411 14.98 14.16 -8.99
N TYR B 412 14.02 14.12 -9.92
CA TYR B 412 12.73 13.52 -9.62
C TYR B 412 11.90 13.27 -10.88
N VAL B 413 11.40 12.05 -11.04
CA VAL B 413 10.41 11.74 -12.06
C VAL B 413 9.37 10.82 -11.43
N ALA B 414 8.09 11.21 -11.52
CA ALA B 414 7.03 10.45 -10.89
C ALA B 414 5.69 10.87 -11.46
N ILE B 415 4.72 9.96 -11.37
CA ILE B 415 3.32 10.24 -11.66
C ILE B 415 2.65 10.66 -10.36
N ARG B 416 1.63 11.53 -10.48
CA ARG B 416 0.91 12.02 -9.31
C ARG B 416 -0.57 12.21 -9.67
N ILE B 417 -1.28 11.09 -9.80
CA ILE B 417 -2.73 11.14 -9.95
C ILE B 417 -3.32 11.70 -8.66
N GLN B 418 -4.37 12.52 -8.79
CA GLN B 418 -5.06 13.10 -7.64
C GLN B 418 -6.56 12.91 -7.81
N PHE B 419 -7.14 12.02 -7.02
CA PHE B 419 -8.57 11.74 -7.07
C PHE B 419 -9.37 12.86 -6.42
N ARG B 420 -10.60 13.04 -6.89
CA ARG B 420 -11.52 13.96 -6.22
C ARG B 420 -11.80 13.46 -4.81
N ASP B 421 -11.76 14.37 -3.84
CA ASP B 421 -12.22 14.03 -2.51
C ASP B 421 -13.74 14.19 -2.43
N GLU B 422 -14.36 13.35 -1.63
CA GLU B 422 -15.79 13.48 -1.31
C GLU B 422 -15.86 14.23 0.00
N VAL B 423 -16.22 15.53 -0.08
CA VAL B 423 -16.24 16.36 1.11
C VAL B 423 -17.27 15.85 2.11
N HIS B 424 -18.36 15.29 1.63
CA HIS B 424 -19.34 14.74 2.55
C HIS B 424 -18.89 13.38 3.09
N PRO B 425 -19.25 13.06 4.35
CA PRO B 425 -19.60 13.92 5.47
C PRO B 425 -18.46 14.85 5.94
N TYR B 426 -17.23 14.37 5.79
CA TYR B 426 -16.12 14.88 6.61
C TYR B 426 -15.79 16.34 6.35
N GLY B 427 -16.07 16.84 5.16
CA GLY B 427 -15.75 18.24 4.87
C GLY B 427 -14.25 18.47 4.89
N GLU B 428 -13.83 19.49 5.64
CA GLU B 428 -12.43 19.88 5.70
C GLU B 428 -11.56 18.90 6.47
N ALA B 429 -12.16 17.97 7.23
CA ALA B 429 -11.38 16.96 7.91
C ALA B 429 -10.65 16.03 6.94
N THR B 430 -11.16 15.88 5.72
CA THR B 430 -10.55 15.03 4.71
C THR B 430 -10.06 15.89 3.54
N GLN B 431 -9.34 15.24 2.62
CA GLN B 431 -8.74 15.93 1.48
C GLN B 431 -8.66 14.96 0.31
N ARG B 432 -8.06 15.45 -0.78
CA ARG B 432 -7.90 14.63 -1.98
C ARG B 432 -7.06 13.39 -1.71
N ASN B 433 -7.51 12.25 -2.20
CA ASN B 433 -6.66 11.08 -2.33
C ASN B 433 -5.74 11.26 -3.53
N GLU B 434 -4.56 10.64 -3.47
CA GLU B 434 -3.65 10.68 -4.60
C GLU B 434 -2.82 9.41 -4.65
N LEU B 435 -2.56 8.95 -5.88
CA LEU B 435 -1.72 7.79 -6.13
C LEU B 435 -0.45 8.26 -6.83
N VAL B 436 0.70 7.98 -6.21
CA VAL B 436 2.00 8.37 -6.74
C VAL B 436 2.73 7.14 -7.22
N ILE B 437 3.41 7.26 -8.37
CA ILE B 437 4.21 6.18 -8.95
C ILE B 437 5.56 6.79 -9.31
N ARG B 438 6.55 6.60 -8.44
CA ARG B 438 7.88 7.15 -8.64
C ARG B 438 8.82 6.08 -9.21
N ALA B 439 9.65 6.48 -10.17
CA ALA B 439 10.64 5.60 -10.77
C ALA B 439 12.05 5.90 -10.30
N GLN B 440 12.44 7.17 -10.28
CA GLN B 440 13.72 7.61 -9.74
C GLN B 440 13.50 8.80 -8.83
N PRO B 441 14.39 9.02 -7.84
CA PRO B 441 15.65 8.35 -7.48
C PRO B 441 15.52 6.86 -7.16
N SER B 442 14.40 6.45 -6.57
CA SER B 442 14.18 5.06 -6.20
C SER B 442 12.76 4.66 -6.51
N GLU B 443 12.57 3.42 -6.93
CA GLU B 443 11.25 2.92 -7.28
C GLU B 443 10.36 2.88 -6.04
N ALA B 444 9.11 3.33 -6.22
CA ALA B 444 8.14 3.34 -5.13
C ALA B 444 6.75 3.55 -5.71
N MET B 445 5.75 3.11 -4.96
CA MET B 445 4.35 3.39 -5.26
C MET B 445 3.58 3.43 -3.95
N TYR B 446 2.67 4.40 -3.84
CA TYR B 446 1.92 4.56 -2.61
C TYR B 446 0.66 5.37 -2.88
N VAL B 447 -0.36 5.14 -2.05
CA VAL B 447 -1.64 5.84 -2.12
C VAL B 447 -1.83 6.60 -0.82
N LYS B 448 -2.15 7.90 -0.92
CA LYS B 448 -2.34 8.74 0.25
C LYS B 448 -3.82 8.88 0.55
N ILE B 449 -4.19 8.71 1.81
CA ILE B 449 -5.59 8.76 2.26
C ILE B 449 -5.63 9.37 3.65
N THR B 450 -6.82 9.82 4.05
CA THR B 450 -7.06 10.29 5.41
C THR B 450 -7.66 9.18 6.26
N THR B 451 -7.20 9.10 7.51
CA THR B 451 -7.70 8.12 8.47
C THR B 451 -7.76 8.78 9.84
N LYS B 452 -8.64 8.24 10.70
CA LYS B 452 -8.79 8.79 12.04
C LYS B 452 -7.52 8.55 12.87
N VAL B 453 -7.22 9.51 13.72
CA VAL B 453 -6.00 9.46 14.56
C VAL B 453 -6.19 8.41 15.65
N PRO B 454 -5.15 7.65 16.01
CA PRO B 454 -5.31 6.63 17.05
C PRO B 454 -5.76 7.19 18.40
N GLY B 455 -5.41 8.43 18.72
CA GLY B 455 -5.79 8.99 20.01
C GLY B 455 -7.30 9.10 20.15
N LEU B 456 -7.74 9.10 21.41
CA LEU B 456 -9.17 9.01 21.70
C LEU B 456 -9.94 10.20 21.13
N SER B 457 -9.33 11.38 21.13
CA SER B 457 -9.90 12.60 20.54
C SER B 457 -11.39 12.75 20.82
N GLY B 458 -12.16 12.98 19.76
CA GLY B 458 -13.60 13.06 19.88
C GLY B 458 -14.21 13.31 18.51
N ASP B 459 -15.49 12.94 18.40
CA ASP B 459 -16.30 13.14 17.20
C ASP B 459 -15.73 12.43 15.96
N LEU B 460 -14.67 11.64 16.14
CA LEU B 460 -13.99 10.95 15.03
C LEU B 460 -13.59 11.93 13.93
N ARG B 461 -13.35 13.18 14.29
CA ARG B 461 -12.93 14.20 13.34
C ARG B 461 -11.43 14.48 13.39
N GLN B 462 -10.71 13.98 14.38
CA GLN B 462 -9.27 14.17 14.46
C GLN B 462 -8.63 13.15 13.52
N THR B 463 -8.41 13.58 12.28
CA THR B 463 -7.87 12.74 11.22
C THR B 463 -6.58 13.34 10.70
N HIS B 464 -5.86 12.54 9.92
CA HIS B 464 -4.60 12.95 9.33
C HIS B 464 -4.38 12.16 8.05
N GLN B 465 -3.58 12.74 7.16
CA GLN B 465 -3.23 12.04 5.93
C GLN B 465 -2.38 10.81 6.25
N THR B 466 -2.61 9.74 5.49
CA THR B 466 -1.91 8.47 5.71
C THR B 466 -1.71 7.80 4.36
N GLU B 467 -0.56 7.15 4.20
CA GLU B 467 -0.20 6.53 2.93
C GLU B 467 -0.14 5.01 3.07
N LEU B 468 -0.65 4.32 2.06
CA LEU B 468 -0.51 2.86 1.95
C LEU B 468 0.66 2.57 1.02
N ASP B 469 1.87 2.68 1.57
CA ASP B 469 3.06 2.43 0.78
C ASP B 469 3.10 0.98 0.31
N LEU B 470 3.43 0.77 -0.96
CA LEU B 470 3.91 -0.54 -1.37
C LEU B 470 5.24 -0.78 -0.68
N THR B 471 5.41 -1.98 -0.13
CA THR B 471 6.55 -2.26 0.72
C THR B 471 7.74 -2.82 -0.06
N TYR B 472 7.94 -2.37 -1.30
CA TYR B 472 9.03 -2.80 -2.15
C TYR B 472 9.07 -4.32 -2.26
N HIS B 473 7.92 -4.90 -2.61
CA HIS B 473 7.87 -6.34 -2.85
C HIS B 473 8.77 -6.70 -4.02
N THR B 474 9.55 -7.76 -3.85
CA THR B 474 10.55 -8.13 -4.84
C THR B 474 10.40 -9.59 -5.26
N LEU B 480 17.20 -5.72 -11.44
CA LEU B 480 18.55 -5.19 -11.41
C LEU B 480 18.96 -4.45 -12.69
N PRO B 481 18.91 -5.11 -13.85
CA PRO B 481 19.46 -4.49 -15.06
C PRO B 481 18.72 -3.21 -15.46
N ASP B 482 19.49 -2.28 -16.03
CA ASP B 482 18.97 -1.02 -16.53
C ASP B 482 18.10 -1.24 -17.76
N ALA B 483 17.20 -0.28 -18.01
CA ALA B 483 16.21 -0.43 -19.07
C ALA B 483 16.85 -0.58 -20.45
N TYR B 484 18.05 -0.04 -20.63
CA TYR B 484 18.72 -0.16 -21.92
C TYR B 484 18.99 -1.61 -22.30
N GLU B 485 19.29 -2.48 -21.33
CA GLU B 485 19.49 -3.90 -21.61
C GLU B 485 18.23 -4.73 -21.44
N SER B 486 17.28 -4.28 -20.62
CA SER B 486 16.00 -5.00 -20.54
C SER B 486 15.27 -4.95 -21.87
N LEU B 487 15.33 -3.82 -22.56
CA LEU B 487 14.79 -3.78 -23.92
C LEU B 487 15.62 -4.63 -24.88
N ILE B 488 16.92 -4.77 -24.64
CA ILE B 488 17.75 -5.60 -25.49
C ILE B 488 17.31 -7.06 -25.39
N ASN B 489 16.93 -7.49 -24.18
CA ASN B 489 16.39 -8.83 -24.03
C ASN B 489 15.06 -9.00 -24.74
N ASP B 490 14.25 -7.94 -24.79
CA ASP B 490 12.97 -8.03 -25.49
C ASP B 490 13.16 -8.18 -26.98
N ALA B 491 14.12 -7.46 -27.56
CA ALA B 491 14.42 -7.61 -28.98
C ALA B 491 14.99 -8.99 -29.29
N LEU B 492 15.76 -9.57 -28.35
CA LEU B 492 16.27 -10.92 -28.56
C LEU B 492 15.13 -11.95 -28.55
N LEU B 493 14.08 -11.70 -27.78
CA LEU B 493 12.92 -12.56 -27.75
C LEU B 493 11.91 -12.25 -28.84
N GLY B 494 12.03 -11.11 -29.52
CA GLY B 494 11.05 -10.72 -30.51
C GLY B 494 9.76 -10.17 -29.95
N ASN B 495 9.74 -9.83 -28.66
CA ASN B 495 8.49 -9.40 -28.04
C ASN B 495 8.01 -8.07 -28.61
N SER B 496 8.89 -7.07 -28.63
CA SER B 496 8.61 -5.72 -29.15
C SER B 496 7.41 -5.06 -28.46
N THR B 497 7.07 -5.49 -27.24
CA THR B 497 5.99 -4.84 -26.52
C THR B 497 6.36 -3.43 -26.08
N ASN B 498 7.65 -3.18 -25.83
CA ASN B 498 8.11 -1.92 -25.24
C ASN B 498 8.96 -1.10 -26.21
N PHE B 499 8.67 -1.19 -27.51
CA PHE B 499 9.35 -0.41 -28.52
C PHE B 499 8.34 0.45 -29.25
N VAL B 500 8.72 1.70 -29.54
CA VAL B 500 7.81 2.62 -30.20
C VAL B 500 7.54 2.14 -31.63
N ARG B 501 6.28 2.20 -32.04
CA ARG B 501 5.87 1.90 -33.40
C ARG B 501 5.75 3.20 -34.19
N LYS B 502 5.88 3.08 -35.52
CA LYS B 502 5.90 4.28 -36.35
C LYS B 502 4.58 5.05 -36.27
N ASP B 503 3.45 4.34 -36.28
CA ASP B 503 2.17 5.03 -36.11
C ASP B 503 2.08 5.66 -34.73
N GLU B 504 2.69 5.03 -33.72
CA GLU B 504 2.78 5.65 -32.41
C GLU B 504 3.69 6.88 -32.43
N LEU B 505 4.68 6.89 -33.32
CA LEU B 505 5.59 8.03 -33.41
C LEU B 505 4.94 9.22 -34.11
N ASP B 506 4.18 8.95 -35.18
CA ASP B 506 3.59 10.03 -35.96
C ASP B 506 2.55 10.81 -35.17
N VAL B 507 1.78 10.11 -34.33
CA VAL B 507 0.77 10.82 -33.55
C VAL B 507 1.40 11.59 -32.39
N ALA B 508 2.48 11.07 -31.80
CA ALA B 508 3.15 11.79 -30.73
C ALA B 508 3.76 13.08 -31.24
N TRP B 509 4.27 13.08 -32.47
CA TRP B 509 4.77 14.32 -33.06
C TRP B 509 3.65 15.28 -33.40
N ARG B 510 2.47 14.76 -33.77
CA ARG B 510 1.37 15.64 -34.15
C ARG B 510 0.86 16.45 -32.96
N ILE B 511 0.96 15.89 -31.74
CA ILE B 511 0.50 16.63 -30.57
C ILE B 511 1.37 17.84 -30.31
N PHE B 512 2.67 17.73 -30.59
CA PHE B 512 3.61 18.78 -30.22
C PHE B 512 4.06 19.66 -31.38
N THR B 513 3.92 19.20 -32.63
CA THR B 513 4.47 19.95 -33.76
C THR B 513 3.91 21.36 -33.89
N PRO B 514 2.59 21.59 -33.85
CA PRO B 514 2.11 22.98 -33.94
C PRO B 514 2.65 23.88 -32.85
N LEU B 515 2.85 23.36 -31.64
CA LEU B 515 3.46 24.16 -30.59
C LEU B 515 4.95 24.35 -30.84
N LEU B 516 5.62 23.31 -31.36
CA LEU B 516 7.05 23.42 -31.63
C LEU B 516 7.35 24.42 -32.74
N HIS B 517 6.45 24.55 -33.72
CA HIS B 517 6.64 25.56 -34.75
C HIS B 517 6.47 26.97 -34.18
N GLN B 518 5.66 27.13 -33.13
CA GLN B 518 5.44 28.45 -32.57
C GLN B 518 6.65 28.91 -31.74
N ILE B 519 7.21 28.01 -30.94
CA ILE B 519 8.41 28.36 -30.19
C ILE B 519 9.59 28.60 -31.12
N ASP B 520 9.67 27.88 -32.23
CA ASP B 520 10.73 28.12 -33.21
C ASP B 520 10.52 29.43 -33.96
N SER B 521 9.26 29.87 -34.08
CA SER B 521 8.95 31.14 -34.73
C SER B 521 8.99 32.32 -33.77
N GLY B 522 9.26 32.08 -32.49
CA GLY B 522 9.42 33.15 -31.52
C GLY B 522 8.14 33.74 -30.96
N GLU B 523 7.00 33.09 -31.18
CA GLU B 523 5.73 33.62 -30.68
C GLU B 523 5.67 33.67 -29.16
N ILE B 524 6.44 32.83 -28.47
CA ILE B 524 6.54 32.85 -27.01
C ILE B 524 8.01 32.78 -26.62
N LYS B 525 8.31 33.24 -25.41
CA LYS B 525 9.67 33.31 -24.93
C LYS B 525 9.81 32.61 -23.59
N PRO B 526 10.99 32.03 -23.32
CA PRO B 526 11.21 31.38 -22.01
C PRO B 526 11.19 32.39 -20.87
N ILE B 527 10.73 31.92 -19.72
CA ILE B 527 10.72 32.71 -18.49
C ILE B 527 12.00 32.39 -17.71
N PRO B 528 12.85 33.38 -17.44
CA PRO B 528 14.09 33.09 -16.70
C PRO B 528 13.83 32.56 -15.29
N TYR B 529 14.71 31.68 -14.84
CA TYR B 529 14.69 31.17 -13.47
C TYR B 529 16.09 30.70 -13.13
N GLN B 530 16.63 31.16 -12.00
CA GLN B 530 17.97 30.73 -11.62
C GLN B 530 17.95 29.29 -11.13
N ALA B 531 19.07 28.60 -11.35
CA ALA B 531 19.13 27.16 -11.14
C ALA B 531 18.99 26.79 -9.67
N GLY B 532 18.44 25.60 -9.42
CA GLY B 532 18.24 25.09 -8.09
C GLY B 532 16.88 25.41 -7.48
N THR B 533 16.07 26.21 -8.15
CA THR B 533 14.71 26.48 -7.72
C THR B 533 13.74 25.49 -8.37
N ARG B 534 12.47 25.57 -7.96
CA ARG B 534 11.44 24.75 -8.58
C ARG B 534 11.27 25.07 -10.06
N GLY B 535 11.71 26.26 -10.48
CA GLY B 535 11.50 26.71 -11.83
C GLY B 535 10.94 28.12 -11.81
N PRO B 536 10.44 28.60 -12.95
CA PRO B 536 9.71 29.86 -12.93
C PRO B 536 8.48 29.73 -12.05
N LYS B 537 8.17 30.79 -11.31
CA LYS B 537 7.01 30.74 -10.43
C LYS B 537 5.71 30.90 -11.18
N GLU B 538 5.75 31.35 -12.43
CA GLU B 538 4.55 31.32 -13.26
C GLU B 538 4.12 29.90 -13.58
N ALA B 539 5.08 28.96 -13.62
CA ALA B 539 4.72 27.57 -13.87
C ALA B 539 3.92 26.99 -12.72
N ASP B 540 4.30 27.31 -11.48
CA ASP B 540 3.48 26.90 -10.34
C ASP B 540 2.12 27.56 -10.35
N GLU B 541 2.04 28.81 -10.82
CA GLU B 541 0.75 29.46 -10.98
C GLU B 541 -0.07 28.79 -12.08
N PHE B 542 0.60 28.25 -13.10
CA PHE B 542 -0.12 27.54 -14.15
C PHE B 542 -0.63 26.19 -13.66
N ILE B 543 0.19 25.47 -12.89
CA ILE B 543 -0.23 24.18 -12.36
C ILE B 543 -1.39 24.35 -11.40
N ALA B 544 -1.39 25.45 -10.63
CA ALA B 544 -2.46 25.67 -9.66
C ALA B 544 -3.80 25.91 -10.33
N ASN B 545 -3.80 26.48 -11.53
CA ASN B 545 -5.02 26.74 -12.27
C ASN B 545 -5.50 25.53 -13.07
N ASN B 546 -4.74 24.44 -13.07
CA ASN B 546 -5.12 23.26 -13.84
C ASN B 546 -5.36 22.04 -12.95
N GLY B 547 -6.11 22.24 -11.86
CA GLY B 547 -6.64 21.15 -11.07
C GLY B 547 -5.73 20.56 -10.00
N PHE B 548 -4.55 21.14 -9.75
CA PHE B 548 -3.64 20.60 -8.74
C PHE B 548 -3.98 21.23 -7.38
N LYS B 549 -4.62 20.45 -6.53
CA LYS B 549 -4.75 20.79 -5.11
C LYS B 549 -3.59 20.21 -4.32
N HIS B 550 -3.29 20.83 -3.18
CA HIS B 550 -2.24 20.34 -2.29
C HIS B 550 -2.56 20.77 -0.87
N GLN B 551 -1.92 20.07 0.08
CA GLN B 551 -2.12 20.33 1.50
C GLN B 551 -1.67 21.75 1.88
PA NDP C . -21.35 -11.48 38.97
O1A NDP C . -22.39 -12.54 38.80
O2A NDP C . -20.08 -12.11 39.38
O5B NDP C . -21.85 -10.39 40.12
C5B NDP C . -20.90 -9.48 40.62
C4B NDP C . -21.45 -8.76 41.86
O4B NDP C . -22.76 -8.79 41.84
C3B NDP C . -21.01 -9.52 43.14
O3B NDP C . -19.89 -8.92 43.71
C2B NDP C . -22.21 -9.39 44.04
O2B NDP C . -22.22 -8.04 44.75
C1B NDP C . -23.24 -9.48 43.21
N9A NDP C . -23.56 -10.87 42.95
C8A NDP C . -23.00 -12.09 43.00
N7A NDP C . -23.91 -12.98 42.60
C5A NDP C . -25.06 -12.33 42.32
C6A NDP C . -26.28 -12.76 41.88
N6A NDP C . -26.87 -14.06 41.55
N1A NDP C . -27.26 -11.89 41.67
C2A NDP C . -27.04 -10.56 41.88
N3A NDP C . -25.84 -10.14 42.32
C4A NDP C . -24.84 -11.02 42.53
O3 NDP C . -21.14 -10.69 37.53
PN NDP C . -19.66 -10.20 36.92
O1N NDP C . -18.96 -9.34 37.92
O2N NDP C . -18.83 -11.38 36.62
O5D NDP C . -19.92 -9.34 35.53
C5D NDP C . -21.22 -8.69 35.40
C4D NDP C . -21.48 -8.31 33.86
O4D NDP C . -20.36 -8.07 33.27
C3D NDP C . -22.13 -9.50 33.13
O3D NDP C . -23.15 -9.05 32.29
C2D NDP C . -21.00 -10.10 32.33
O2D NDP C . -21.52 -10.76 31.05
C1D NDP C . -20.25 -9.08 32.02
P2B NDP C . -22.22 -8.03 46.41
O1X NDP C . -20.83 -8.22 46.90
O2X NDP C . -22.80 -6.72 46.96
O3X NDP C . -23.04 -9.18 46.88
C1 EDO D . -13.83 -6.99 -16.31
O1 EDO D . -15.22 -6.93 -16.64
C2 EDO D . -13.38 -8.45 -16.28
O2 EDO D . -13.63 -9.04 -17.55
C1 EDO E . -20.89 19.22 31.07
O1 EDO E . -21.33 17.96 30.56
C2 EDO E . -22.03 19.89 31.83
O2 EDO E . -22.39 19.07 32.95
S SO4 F . -10.18 -16.98 7.60
O1 SO4 F . -10.27 -15.54 7.89
O2 SO4 F . -10.58 -17.22 6.21
O3 SO4 F . -11.07 -17.72 8.49
O4 SO4 F . -8.80 -17.43 7.80
S SO4 G . -3.88 -12.77 4.27
O1 SO4 G . -4.64 -12.03 3.27
O2 SO4 G . -2.48 -12.84 3.86
O3 SO4 G . -3.98 -12.07 5.55
O4 SO4 G . -4.42 -14.11 4.40
S SO4 H . -14.83 -13.48 -9.43
O1 SO4 H . -14.81 -14.63 -10.33
O2 SO4 H . -14.48 -12.27 -10.17
O3 SO4 H . -13.86 -13.68 -8.37
O4 SO4 H . -16.17 -13.31 -8.86
S SO4 I . -18.42 -6.98 26.04
O1 SO4 I . -18.81 -6.15 24.90
O2 SO4 I . -17.95 -8.28 25.57
O3 SO4 I . -17.36 -6.32 26.80
O4 SO4 I . -19.57 -7.15 26.91
C1 BG6 J . 17.39 4.55 -12.52
C2 BG6 J . 16.78 3.19 -12.91
O1 BG6 J . 16.79 4.99 -11.39
O5 BG6 J . 17.23 5.59 -13.60
C3 BG6 J . 17.20 2.73 -14.27
O2 BG6 J . 17.19 2.21 -11.94
C4 BG6 J . 17.04 3.80 -15.29
O3 BG6 J . 16.37 1.60 -14.64
C5 BG6 J . 17.73 5.10 -14.90
O4 BG6 J . 17.62 3.40 -16.54
C6 BG6 J . 17.45 6.08 -15.97
O6 BG6 J . 17.60 7.41 -15.49
P BG6 J . 18.06 8.57 -16.58
O1P BG6 J . 18.56 9.79 -15.86
O2P BG6 J . 16.87 8.95 -17.44
O3P BG6 J . 19.14 8.03 -17.46
PA NDP K . 28.06 10.32 -31.29
O1A NDP K . 28.22 11.60 -32.05
O2A NDP K . 28.98 10.30 -30.14
O5B NDP K . 28.37 9.03 -32.31
C5B NDP K . 28.88 9.28 -33.59
C4B NDP K . 29.43 7.98 -34.19
O4B NDP K . 29.16 7.90 -35.46
C3B NDP K . 30.98 8.01 -34.09
O3B NDP K . 31.43 6.72 -33.83
C2B NDP K . 31.43 8.51 -35.45
O2B NDP K . 32.83 8.00 -35.75
C1B NDP K . 30.50 8.09 -36.31
N9A NDP K . 30.19 9.05 -37.36
C8A NDP K . 29.12 9.76 -37.77
N7A NDP K . 29.46 10.48 -38.84
C5A NDP K . 30.76 10.23 -39.11
C6A NDP K . 31.60 10.71 -40.10
N6A NDP K . 31.47 11.65 -41.21
N1A NDP K . 32.87 10.30 -40.16
C2A NDP K . 33.33 9.41 -39.25
N3A NDP K . 32.50 8.94 -38.29
C4A NDP K . 31.21 9.34 -38.21
O3 NDP K . 26.50 10.23 -30.75
PN NDP K . 25.83 8.85 -30.06
O1N NDP K . 26.51 7.62 -30.56
O2N NDP K . 25.93 8.93 -28.59
O5D NDP K . 24.23 8.79 -30.46
C5D NDP K . 23.35 8.08 -29.56
C4D NDP K . 21.94 8.83 -29.51
O4D NDP K . 21.36 8.58 -28.38
C3D NDP K . 22.13 10.36 -29.59
O3D NDP K . 21.38 10.88 -30.66
C2D NDP K . 21.62 10.92 -28.27
O2D NDP K . 20.70 12.13 -28.50
C1D NDP K . 20.96 9.96 -27.67
N1N NDP K . 21.32 9.89 -26.23
C2N NDP K . 22.63 9.50 -25.82
C3N NDP K . 23.20 9.96 -24.53
C7N NDP K . 24.70 9.82 -24.29
O7N NDP K . 25.18 10.16 -23.23
N7N NDP K . 25.53 9.30 -25.32
C4N NDP K . 22.25 10.20 -23.29
C5N NDP K . 20.75 10.30 -23.70
C6N NDP K . 20.34 10.23 -25.20
P2B NDP K . 33.13 6.44 -36.29
O1X NDP K . 32.83 5.48 -35.19
O2X NDP K . 32.28 6.10 -37.50
O3X NDP K . 34.57 6.32 -36.65
C1 EDO L . 15.85 -20.12 -33.23
O1 EDO L . 15.24 -21.00 -34.18
C2 EDO L . 15.03 -18.84 -33.10
O2 EDO L . 15.61 -17.99 -32.11
S SO4 M . 3.58 13.97 -1.97
O1 SO4 M . 2.28 14.62 -1.85
O2 SO4 M . 4.35 14.60 -3.04
O3 SO4 M . 4.30 14.11 -0.71
O4 SO4 M . 3.38 12.55 -2.27
S SO4 N . 5.65 18.61 -8.70
O1 SO4 N . 4.99 19.52 -9.63
O2 SO4 N . 7.06 18.47 -9.06
O3 SO4 N . 5.54 19.16 -7.35
O4 SO4 N . 4.99 17.31 -8.76
#